data_2CUN
#
_entry.id   2CUN
#
_cell.length_a   49.854
_cell.length_b   123.327
_cell.length_c   82.943
_cell.angle_alpha   90.00
_cell.angle_beta   95.42
_cell.angle_gamma   90.00
#
_symmetry.space_group_name_H-M   'P 1 21 1'
#
loop_
_entity.id
_entity.type
_entity.pdbx_description
1 polymer 'Phosphoglycerate kinase'
2 non-polymer 'CHLORIDE ION'
3 non-polymer '3-PHOSPHOGLYCERIC ACID'
4 non-polymer GLYCEROL
5 non-polymer (4S)-2-METHYL-2,4-PENTANEDIOL
6 water water
#
_entity_poly.entity_id   1
_entity_poly.type   'polypeptide(L)'
_entity_poly.pdbx_seq_one_letter_code
;MFRLEDFNFHNKTVFLRVDLNSPMKDGKIISDARFKAVLPTIRYLIESGAKVVIGTHQGKPYSEDYTTTEEHARVLSELL
DQHVEYIEDIFGRYAREKIKELKSGEVAILENLRFSAEEVKNKPIEECEKTFLVKKLSKVIDYVVNDAFATAHRSQPSLV
GFARIKPMIMGFLMEKEIEALMRAYYSKDSPKIYVLGGAKVEDSLKVVENVLRRERADLVLTGGLVANVFTLAKGFDLGR
KNVEFMKKKGLLDYVKHAEEILDEFYPYIRTPVDFAVDYKGERVEIDLLSENRGLLHQYQIMDIGKRTAEKYREILMKAR
IIVANGPMGVFEREEFAIGTVEVFKAIADSPAFSVLGGGHSIASIQKYGITGITHISTGGGAMLSFFAGEELPVLRALQI
SYEKFKEVVK
;
_entity_poly.pdbx_strand_id   A,B
#
loop_
_chem_comp.id
_chem_comp.type
_chem_comp.name
_chem_comp.formula
3PG non-polymer '3-PHOSPHOGLYCERIC ACID' 'C3 H7 O7 P'
CL non-polymer 'CHLORIDE ION' 'Cl -1'
GOL non-polymer GLYCEROL 'C3 H8 O3'
MPD non-polymer (4S)-2-METHYL-2,4-PENTANEDIOL 'C6 H14 O2'
#
# COMPACT_ATOMS: atom_id res chain seq x y z
N MET A 1 -11.77 30.05 0.04
CA MET A 1 -10.63 29.35 0.69
C MET A 1 -9.95 30.23 1.73
N PHE A 2 -9.88 29.74 2.97
CA PHE A 2 -9.26 30.49 4.05
C PHE A 2 -7.85 30.92 3.70
N ARG A 3 -7.43 32.04 4.28
CA ARG A 3 -6.10 32.59 4.08
C ARG A 3 -5.51 32.81 5.47
N LEU A 4 -4.18 32.83 5.57
CA LEU A 4 -3.51 33.02 6.85
C LEU A 4 -3.98 34.22 7.68
N GLU A 5 -4.43 35.27 7.00
CA GLU A 5 -4.89 36.47 7.71
C GLU A 5 -6.25 36.33 8.38
N ASP A 6 -7.03 35.33 7.95
CA ASP A 6 -8.36 35.14 8.52
C ASP A 6 -8.39 34.53 9.91
N PHE A 7 -7.21 34.20 10.46
CA PHE A 7 -7.16 33.60 11.79
C PHE A 7 -6.08 34.16 12.70
N ASN A 8 -6.35 34.12 14.00
CA ASN A 8 -5.40 34.59 15.01
C ASN A 8 -4.73 33.32 15.52
N PHE A 9 -3.46 33.12 15.16
CA PHE A 9 -2.73 31.92 15.57
C PHE A 9 -1.98 31.99 16.89
N HIS A 10 -2.11 33.10 17.61
CA HIS A 10 -1.40 33.20 18.88
C HIS A 10 -1.80 32.08 19.82
N ASN A 11 -0.82 31.34 20.30
CA ASN A 11 -1.04 30.22 21.21
C ASN A 11 -1.94 29.11 20.64
N LYS A 12 -2.06 29.07 19.32
CA LYS A 12 -2.86 28.02 18.68
C LYS A 12 -1.91 26.98 18.11
N THR A 13 -2.28 25.70 18.18
CA THR A 13 -1.42 24.65 17.64
C THR A 13 -1.77 24.44 16.18
N VAL A 14 -0.78 24.66 15.33
CA VAL A 14 -0.99 24.54 13.89
C VAL A 14 -0.26 23.37 13.23
N PHE A 15 -1.00 22.53 12.52
CA PHE A 15 -0.40 21.43 11.78
C PHE A 15 -0.13 22.04 10.41
N LEU A 16 1.15 22.24 10.12
CA LEU A 16 1.54 22.82 8.84
C LEU A 16 2.01 21.69 7.93
N ARG A 17 1.17 21.33 6.97
CA ARG A 17 1.49 20.27 6.01
C ARG A 17 2.15 20.91 4.80
N VAL A 18 3.40 20.55 4.57
CA VAL A 18 4.13 21.10 3.44
C VAL A 18 4.77 19.97 2.68
N ASP A 19 5.33 20.29 1.52
CA ASP A 19 6.00 19.29 0.73
C ASP A 19 7.48 19.59 0.77
N LEU A 20 8.20 18.90 1.65
CA LEU A 20 9.64 19.06 1.77
C LEU A 20 10.27 17.76 1.26
N ASN A 21 9.51 17.03 0.44
CA ASN A 21 9.96 15.78 -0.18
C ASN A 21 11.01 16.25 -1.17
N SER A 22 12.28 16.11 -0.80
CA SER A 22 13.34 16.61 -1.64
C SER A 22 14.20 15.58 -2.35
N PRO A 23 14.80 15.98 -3.49
CA PRO A 23 15.66 15.11 -4.27
C PRO A 23 16.83 14.76 -3.37
N MET A 24 17.30 13.53 -3.43
CA MET A 24 18.41 13.13 -2.59
C MET A 24 19.44 12.28 -3.31
N LYS A 25 20.60 12.16 -2.68
CA LYS A 25 21.69 11.36 -3.21
C LYS A 25 22.32 10.73 -1.97
N ASP A 26 22.31 9.40 -1.91
CA ASP A 26 22.88 8.69 -0.77
C ASP A 26 22.17 9.08 0.52
N GLY A 27 20.89 9.43 0.41
CA GLY A 27 20.12 9.78 1.58
C GLY A 27 20.27 11.22 2.07
N LYS A 28 21.10 12.00 1.38
CA LYS A 28 21.32 13.40 1.74
C LYS A 28 20.55 14.31 0.79
N ILE A 29 19.94 15.35 1.36
CA ILE A 29 19.18 16.30 0.56
C ILE A 29 20.11 17.10 -0.36
N ILE A 30 19.77 17.18 -1.65
CA ILE A 30 20.61 17.90 -2.62
C ILE A 30 20.00 19.20 -3.14
N SER A 31 18.86 19.60 -2.57
CA SER A 31 18.21 20.84 -2.98
C SER A 31 17.24 21.26 -1.90
N ASP A 32 17.42 22.47 -1.37
CA ASP A 32 16.56 22.98 -0.32
C ASP A 32 15.51 23.94 -0.85
N ALA A 33 15.25 23.88 -2.16
CA ALA A 33 14.27 24.78 -2.78
C ALA A 33 12.90 24.70 -2.12
N ARG A 34 12.42 23.49 -1.88
CA ARG A 34 11.11 23.35 -1.27
C ARG A 34 11.04 23.91 0.14
N PHE A 35 12.17 23.92 0.83
CA PHE A 35 12.26 24.48 2.18
C PHE A 35 12.15 26.00 2.11
N LYS A 36 12.89 26.60 1.18
CA LYS A 36 12.87 28.05 1.01
C LYS A 36 11.48 28.52 0.58
N ALA A 37 10.82 27.72 -0.25
CA ALA A 37 9.50 28.08 -0.74
C ALA A 37 8.46 28.22 0.38
N VAL A 38 8.71 27.58 1.52
CA VAL A 38 7.75 27.64 2.61
C VAL A 38 8.19 28.51 3.80
N LEU A 39 9.35 29.15 3.69
CA LEU A 39 9.83 29.99 4.79
C LEU A 39 8.86 31.10 5.15
N PRO A 40 8.29 31.80 4.14
CA PRO A 40 7.34 32.87 4.44
C PRO A 40 6.18 32.43 5.35
N THR A 41 5.53 31.33 5.00
CA THR A 41 4.41 30.83 5.82
C THR A 41 4.90 30.47 7.22
N ILE A 42 6.00 29.73 7.29
CA ILE A 42 6.57 29.32 8.56
C ILE A 42 6.91 30.54 9.42
N ARG A 43 7.58 31.53 8.83
CA ARG A 43 7.95 32.74 9.56
C ARG A 43 6.72 33.46 10.08
N TYR A 44 5.67 33.50 9.26
CA TYR A 44 4.43 34.17 9.63
C TYR A 44 3.77 33.50 10.85
N LEU A 45 3.78 32.17 10.88
CA LEU A 45 3.18 31.44 12.00
C LEU A 45 4.04 31.64 13.26
N ILE A 46 5.35 31.62 13.10
CA ILE A 46 6.25 31.82 14.23
C ILE A 46 6.01 33.20 14.87
N GLU A 47 6.03 34.24 14.04
CA GLU A 47 5.81 35.61 14.51
C GLU A 47 4.40 35.78 15.05
N SER A 48 3.47 35.01 14.53
CA SER A 48 2.08 35.08 14.97
C SER A 48 1.92 34.43 16.34
N GLY A 49 2.99 33.80 16.83
CA GLY A 49 2.94 33.16 18.13
C GLY A 49 2.23 31.80 18.14
N ALA A 50 2.19 31.14 17.00
CA ALA A 50 1.55 29.83 16.93
C ALA A 50 2.51 28.73 17.37
N LYS A 51 1.96 27.55 17.64
CA LYS A 51 2.78 26.40 18.01
C LYS A 51 2.77 25.64 16.70
N VAL A 52 3.92 25.57 16.04
CA VAL A 52 4.01 24.94 14.73
C VAL A 52 4.49 23.49 14.68
N VAL A 53 3.61 22.61 14.19
CA VAL A 53 3.90 21.19 14.04
C VAL A 53 3.96 20.94 12.54
N ILE A 54 5.16 20.75 12.02
CA ILE A 54 5.33 20.52 10.59
C ILE A 54 5.23 19.05 10.19
N GLY A 55 4.56 18.82 9.07
CA GLY A 55 4.42 17.46 8.57
C GLY A 55 4.74 17.40 7.09
N THR A 56 5.61 16.48 6.70
CA THR A 56 5.96 16.29 5.30
C THR A 56 6.27 14.83 5.05
N HIS A 57 6.22 14.44 3.78
CA HIS A 57 6.58 13.08 3.42
C HIS A 57 7.94 13.20 2.74
N GLN A 58 8.60 12.07 2.54
CA GLN A 58 9.89 12.03 1.87
C GLN A 58 9.90 10.67 1.16
N GLY A 59 9.94 10.71 -0.17
CA GLY A 59 9.93 9.47 -0.94
C GLY A 59 8.65 8.66 -0.77
N LYS A 60 8.79 7.34 -0.79
CA LYS A 60 7.67 6.42 -0.61
C LYS A 60 8.32 5.12 -0.15
N PRO A 61 7.58 4.29 0.61
CA PRO A 61 8.15 3.03 1.12
C PRO A 61 9.02 2.26 0.11
N TYR A 62 10.17 1.79 0.58
CA TYR A 62 11.09 1.00 -0.24
C TYR A 62 11.81 1.79 -1.33
N SER A 63 11.63 3.11 -1.36
CA SER A 63 12.32 3.89 -2.38
C SER A 63 13.68 4.30 -1.84
N GLU A 64 14.58 4.62 -2.74
CA GLU A 64 15.92 5.03 -2.36
C GLU A 64 15.91 6.33 -1.55
N ASP A 65 14.99 7.24 -1.87
CA ASP A 65 14.94 8.50 -1.14
C ASP A 65 13.89 8.54 -0.01
N TYR A 66 13.59 7.36 0.54
CA TYR A 66 12.64 7.22 1.65
C TYR A 66 13.50 7.30 2.90
N THR A 67 13.37 8.39 3.65
CA THR A 67 14.17 8.62 4.85
C THR A 67 13.34 9.21 5.98
N THR A 68 13.96 9.34 7.16
CA THR A 68 13.30 9.98 8.29
C THR A 68 13.35 11.47 7.98
N THR A 69 12.73 12.30 8.82
CA THR A 69 12.74 13.74 8.59
C THR A 69 13.78 14.44 9.48
N GLU A 70 14.74 13.67 9.99
CA GLU A 70 15.76 14.24 10.86
C GLU A 70 16.60 15.30 10.13
N GLU A 71 17.05 14.98 8.91
CA GLU A 71 17.84 15.94 8.16
C GLU A 71 16.97 17.15 7.78
N HIS A 72 15.69 16.90 7.49
CA HIS A 72 14.78 17.99 7.15
C HIS A 72 14.71 18.95 8.34
N ALA A 73 14.69 18.38 9.55
CA ALA A 73 14.64 19.17 10.77
C ALA A 73 15.85 20.10 10.87
N ARG A 74 17.04 19.59 10.59
CA ARG A 74 18.24 20.41 10.68
C ARG A 74 18.25 21.47 9.57
N VAL A 75 17.94 21.06 8.34
CA VAL A 75 17.90 22.00 7.22
C VAL A 75 16.96 23.14 7.58
N LEU A 76 15.82 22.79 8.16
CA LEU A 76 14.81 23.75 8.56
C LEU A 76 15.34 24.63 9.69
N SER A 77 16.08 24.01 10.62
CA SER A 77 16.65 24.74 11.75
C SER A 77 17.60 25.83 11.26
N GLU A 78 18.41 25.48 10.27
CA GLU A 78 19.39 26.40 9.72
C GLU A 78 18.74 27.58 8.98
N LEU A 79 17.84 27.28 8.06
CA LEU A 79 17.18 28.33 7.29
C LEU A 79 16.38 29.29 8.16
N LEU A 80 15.83 28.78 9.27
CA LEU A 80 15.05 29.62 10.17
C LEU A 80 15.88 30.19 11.33
N ASP A 81 17.09 29.65 11.51
CA ASP A 81 17.96 30.08 12.58
C ASP A 81 17.22 29.91 13.90
N GLN A 82 16.43 28.85 13.96
CA GLN A 82 15.63 28.52 15.14
C GLN A 82 15.60 27.00 15.20
N HIS A 83 15.75 26.46 16.41
CA HIS A 83 15.75 25.02 16.56
C HIS A 83 14.40 24.39 16.22
N VAL A 84 14.43 23.44 15.29
CA VAL A 84 13.23 22.73 14.88
C VAL A 84 13.39 21.30 15.38
N GLU A 85 12.60 20.93 16.39
CA GLU A 85 12.69 19.61 16.96
C GLU A 85 12.14 18.48 16.11
N TYR A 86 12.97 17.46 15.94
CA TYR A 86 12.60 16.29 15.18
C TYR A 86 11.86 15.36 16.13
N ILE A 87 10.58 15.16 15.89
CA ILE A 87 9.75 14.27 16.71
C ILE A 87 9.69 12.93 16.00
N GLU A 88 10.35 11.91 16.54
CA GLU A 88 10.34 10.60 15.90
C GLU A 88 9.04 9.84 16.15
N ASP A 89 7.96 10.35 15.55
CA ASP A 89 6.64 9.75 15.66
C ASP A 89 5.73 10.58 14.76
N ILE A 90 4.52 10.09 14.48
CA ILE A 90 3.58 10.85 13.67
C ILE A 90 2.33 11.22 14.47
N PHE A 91 1.60 10.22 14.94
CA PHE A 91 0.35 10.49 15.68
C PHE A 91 0.14 9.67 16.96
N GLY A 92 1.18 8.97 17.41
CA GLY A 92 1.08 8.17 18.61
C GLY A 92 1.24 8.98 19.87
N ARG A 93 1.36 8.27 20.99
CA ARG A 93 1.51 8.90 22.30
C ARG A 93 2.63 9.95 22.35
N TYR A 94 3.82 9.56 21.91
CA TYR A 94 4.97 10.47 21.94
C TYR A 94 4.71 11.75 21.17
N ALA A 95 4.25 11.61 19.93
CA ALA A 95 3.97 12.77 19.10
C ALA A 95 2.99 13.72 19.76
N ARG A 96 1.89 13.20 20.27
CA ARG A 96 0.89 14.05 20.91
C ARG A 96 1.46 14.84 22.10
N GLU A 97 2.23 14.18 22.95
CA GLU A 97 2.82 14.86 24.10
C GLU A 97 3.83 15.93 23.67
N LYS A 98 4.68 15.59 22.70
CA LYS A 98 5.68 16.55 22.22
C LYS A 98 4.95 17.76 21.65
N ILE A 99 3.83 17.53 20.99
CA ILE A 99 3.04 18.61 20.40
C ILE A 99 2.47 19.50 21.50
N LYS A 100 1.93 18.88 22.55
CA LYS A 100 1.34 19.62 23.66
C LYS A 100 2.36 20.47 24.41
N GLU A 101 3.62 20.03 24.43
CA GLU A 101 4.68 20.75 25.14
C GLU A 101 5.22 21.97 24.36
N LEU A 102 4.80 22.12 23.11
CA LEU A 102 5.25 23.24 22.29
C LEU A 102 4.75 24.56 22.84
N LYS A 103 5.64 25.55 22.88
CA LYS A 103 5.27 26.88 23.36
C LYS A 103 5.07 27.77 22.14
N SER A 104 4.36 28.88 22.29
CA SER A 104 4.11 29.80 21.19
C SER A 104 5.43 30.23 20.53
N GLY A 105 5.46 30.24 19.20
CA GLY A 105 6.67 30.64 18.50
C GLY A 105 7.63 29.50 18.24
N GLU A 106 7.38 28.34 18.85
CA GLU A 106 8.25 27.17 18.68
C GLU A 106 7.81 26.30 17.50
N VAL A 107 8.78 25.63 16.87
CA VAL A 107 8.51 24.79 15.72
C VAL A 107 9.08 23.38 15.85
N ALA A 108 8.32 22.39 15.38
CA ALA A 108 8.77 21.01 15.42
C ALA A 108 8.33 20.32 14.13
N ILE A 109 8.95 19.20 13.81
CA ILE A 109 8.58 18.45 12.62
C ILE A 109 8.39 16.99 12.99
N LEU A 110 7.33 16.39 12.48
CA LEU A 110 7.01 15.00 12.76
C LEU A 110 7.83 14.11 11.86
N GLU A 111 7.72 12.80 12.08
CA GLU A 111 8.44 11.83 11.26
C GLU A 111 7.84 11.81 9.87
N ASN A 112 8.59 11.27 8.92
CA ASN A 112 8.15 11.13 7.53
C ASN A 112 6.70 10.65 7.56
N LEU A 113 5.78 11.48 7.09
CA LEU A 113 4.37 11.11 7.12
C LEU A 113 4.09 9.79 6.40
N ARG A 114 4.89 9.46 5.39
CA ARG A 114 4.68 8.22 4.67
C ARG A 114 5.25 6.98 5.36
N PHE A 115 5.52 7.11 6.65
CA PHE A 115 5.94 5.96 7.45
C PHE A 115 4.58 5.36 7.86
N SER A 116 3.52 6.17 7.76
CA SER A 116 2.16 5.73 8.11
C SER A 116 1.49 5.02 6.94
N ALA A 117 0.92 3.84 7.21
CA ALA A 117 0.26 3.05 6.16
C ALA A 117 -1.00 3.71 5.59
N GLU A 118 -1.71 4.47 6.42
CA GLU A 118 -2.90 5.16 5.94
C GLU A 118 -2.47 6.29 5.00
N GLU A 119 -1.43 7.02 5.37
CA GLU A 119 -0.96 8.16 4.57
C GLU A 119 -0.61 7.85 3.10
N VAL A 120 -0.02 6.69 2.84
CA VAL A 120 0.38 6.34 1.49
C VAL A 120 -0.77 6.08 0.52
N LYS A 121 -1.97 5.83 1.02
CA LYS A 121 -3.09 5.57 0.13
C LYS A 121 -3.87 6.83 -0.25
N ASN A 122 -4.33 6.88 -1.50
CA ASN A 122 -5.15 7.99 -1.98
C ASN A 122 -6.58 7.51 -1.77
N LYS A 123 -7.34 8.22 -0.93
CA LYS A 123 -8.71 7.82 -0.63
C LYS A 123 -9.60 9.05 -0.56
N PRO A 124 -10.92 8.86 -0.64
CA PRO A 124 -11.86 9.99 -0.56
C PRO A 124 -11.74 10.64 0.82
N ILE A 125 -12.04 11.92 0.90
CA ILE A 125 -11.99 12.65 2.15
C ILE A 125 -12.77 11.91 3.24
N GLU A 126 -13.91 11.35 2.86
CA GLU A 126 -14.76 10.63 3.80
C GLU A 126 -14.02 9.46 4.45
N GLU A 127 -13.04 8.90 3.75
CA GLU A 127 -12.28 7.80 4.35
C GLU A 127 -11.05 8.34 5.05
N CYS A 128 -10.41 9.35 4.48
CA CYS A 128 -9.23 9.94 5.10
C CYS A 128 -9.53 10.53 6.48
N GLU A 129 -10.69 11.17 6.63
CA GLU A 129 -11.04 11.79 7.90
C GLU A 129 -11.28 10.80 9.03
N LYS A 130 -11.46 9.54 8.69
CA LYS A 130 -11.70 8.50 9.69
C LYS A 130 -10.41 7.74 10.04
N THR A 131 -9.29 8.15 9.45
CA THR A 131 -8.03 7.46 9.72
C THR A 131 -7.54 7.73 11.13
N PHE A 132 -6.71 6.83 11.63
CA PHE A 132 -6.14 7.04 12.95
C PHE A 132 -5.20 8.23 12.90
N LEU A 133 -4.55 8.45 11.75
CA LEU A 133 -3.65 9.58 11.64
C LEU A 133 -4.43 10.87 11.90
N VAL A 134 -5.51 11.07 11.15
CA VAL A 134 -6.33 12.28 11.33
C VAL A 134 -7.00 12.39 12.70
N LYS A 135 -7.69 11.35 13.12
CA LYS A 135 -8.38 11.37 14.41
C LYS A 135 -7.49 11.65 15.61
N LYS A 136 -6.32 11.02 15.66
CA LYS A 136 -5.43 11.23 16.80
C LYS A 136 -4.71 12.58 16.80
N LEU A 137 -4.32 13.08 15.62
CA LEU A 137 -3.67 14.37 15.54
C LEU A 137 -4.70 15.49 15.79
N SER A 138 -5.94 15.24 15.38
CA SER A 138 -7.00 16.24 15.56
C SER A 138 -7.20 16.61 17.02
N LYS A 139 -6.88 15.67 17.91
CA LYS A 139 -7.02 15.89 19.34
C LYS A 139 -6.03 16.90 19.90
N VAL A 140 -4.92 17.13 19.21
CA VAL A 140 -3.92 18.06 19.70
C VAL A 140 -3.63 19.27 18.81
N ILE A 141 -4.42 19.46 17.76
CA ILE A 141 -4.19 20.63 16.91
C ILE A 141 -5.44 21.48 16.76
N ASP A 142 -5.25 22.78 16.54
CA ASP A 142 -6.36 23.71 16.39
C ASP A 142 -6.69 23.96 14.93
N TYR A 143 -5.65 24.20 14.13
CA TYR A 143 -5.84 24.50 12.71
C TYR A 143 -4.87 23.72 11.83
N VAL A 144 -5.16 23.68 10.53
CA VAL A 144 -4.31 23.04 9.56
C VAL A 144 -3.97 24.03 8.44
N VAL A 145 -2.67 24.26 8.22
CA VAL A 145 -2.24 25.15 7.15
C VAL A 145 -1.59 24.25 6.10
N ASN A 146 -2.16 24.24 4.90
CA ASN A 146 -1.64 23.40 3.81
C ASN A 146 -0.90 24.22 2.75
N ASP A 147 0.40 24.01 2.66
CA ASP A 147 1.24 24.71 1.70
C ASP A 147 1.87 23.72 0.74
N ALA A 148 1.38 22.49 0.76
CA ALA A 148 1.92 21.41 -0.08
C ALA A 148 1.40 21.38 -1.50
N PHE A 149 1.62 22.45 -2.25
CA PHE A 149 1.14 22.47 -3.62
C PHE A 149 1.69 21.30 -4.45
N ALA A 150 2.96 20.96 -4.24
CA ALA A 150 3.58 19.86 -4.99
C ALA A 150 2.91 18.50 -4.78
N THR A 151 2.08 18.39 -3.75
CA THR A 151 1.36 17.15 -3.46
C THR A 151 -0.14 17.35 -3.60
N ALA A 152 -0.51 18.50 -4.18
CA ALA A 152 -1.91 18.87 -4.34
C ALA A 152 -2.73 17.93 -5.20
N HIS A 153 -2.06 17.12 -6.02
CA HIS A 153 -2.77 16.17 -6.87
C HIS A 153 -3.04 14.84 -6.14
N ARG A 154 -2.55 14.71 -4.91
CA ARG A 154 -2.75 13.48 -4.13
C ARG A 154 -3.89 13.63 -3.13
N SER A 155 -4.62 12.56 -2.90
CA SER A 155 -5.72 12.56 -1.94
C SER A 155 -5.34 11.66 -0.76
N GLN A 156 -4.29 12.04 -0.06
CA GLN A 156 -3.81 11.28 1.08
C GLN A 156 -4.28 11.96 2.37
N PRO A 157 -4.56 11.16 3.42
CA PRO A 157 -5.05 11.69 4.71
C PRO A 157 -4.50 12.96 5.32
N SER A 158 -3.18 13.12 5.39
CA SER A 158 -2.61 14.34 5.98
C SER A 158 -2.92 15.57 5.14
N LEU A 159 -3.18 15.36 3.85
CA LEU A 159 -3.45 16.43 2.89
C LEU A 159 -4.90 16.92 2.79
N VAL A 160 -5.84 15.99 2.79
CA VAL A 160 -7.25 16.33 2.65
C VAL A 160 -8.11 15.89 3.82
N GLY A 161 -7.59 14.96 4.63
CA GLY A 161 -8.32 14.41 5.75
C GLY A 161 -8.82 15.31 6.87
N PHE A 162 -8.14 16.41 7.14
CA PHE A 162 -8.54 17.32 8.21
C PHE A 162 -9.59 18.32 7.78
N ALA A 163 -9.80 18.43 6.47
CA ALA A 163 -10.73 19.38 5.86
C ALA A 163 -12.02 19.69 6.61
N ARG A 164 -12.77 18.66 6.98
CA ARG A 164 -14.04 18.83 7.68
C ARG A 164 -13.93 18.76 9.19
N ILE A 165 -12.71 18.58 9.69
CA ILE A 165 -12.50 18.45 11.12
C ILE A 165 -11.88 19.70 11.73
N LYS A 166 -11.01 20.35 10.97
CA LYS A 166 -10.35 21.56 11.42
C LYS A 166 -10.28 22.52 10.25
N PRO A 167 -10.32 23.83 10.53
CA PRO A 167 -10.24 24.75 9.41
C PRO A 167 -8.91 24.54 8.70
N MET A 168 -8.95 24.21 7.41
CA MET A 168 -7.74 24.02 6.64
C MET A 168 -7.50 25.30 5.83
N ILE A 169 -6.35 25.92 6.08
CA ILE A 169 -5.98 27.18 5.47
C ILE A 169 -4.84 27.10 4.46
N MET A 170 -4.91 27.90 3.40
CA MET A 170 -3.85 27.93 2.39
C MET A 170 -2.67 28.66 3.00
N GLY A 171 -1.46 28.18 2.70
CA GLY A 171 -0.29 28.87 3.18
C GLY A 171 0.00 29.93 2.12
N PHE A 172 1.05 30.71 2.29
CA PHE A 172 1.38 31.72 1.29
C PHE A 172 1.81 31.08 -0.04
N LEU A 173 2.57 30.00 0.03
CA LEU A 173 3.02 29.33 -1.19
C LEU A 173 1.84 28.77 -1.98
N MET A 174 0.95 28.07 -1.30
CA MET A 174 -0.20 27.49 -1.96
C MET A 174 -0.99 28.57 -2.69
N GLU A 175 -1.15 29.72 -2.03
CA GLU A 175 -1.90 30.80 -2.65
C GLU A 175 -1.21 31.37 -3.89
N LYS A 176 0.10 31.50 -3.86
CA LYS A 176 0.79 32.04 -5.04
C LYS A 176 0.89 31.02 -6.17
N GLU A 177 0.93 29.74 -5.82
CA GLU A 177 0.99 28.69 -6.84
C GLU A 177 -0.33 28.70 -7.62
N ILE A 178 -1.43 28.69 -6.88
CA ILE A 178 -2.75 28.69 -7.51
C ILE A 178 -3.01 29.93 -8.36
N GLU A 179 -2.64 31.09 -7.83
CA GLU A 179 -2.86 32.35 -8.54
C GLU A 179 -2.08 32.42 -9.84
N ALA A 180 -0.81 32.00 -9.82
CA ALA A 180 0.02 32.04 -11.02
C ALA A 180 -0.45 31.06 -12.10
N LEU A 181 -0.72 29.83 -11.71
CA LEU A 181 -1.17 28.82 -12.68
C LEU A 181 -2.54 29.15 -13.26
N MET A 182 -3.45 29.64 -12.43
CA MET A 182 -4.78 30.02 -12.91
C MET A 182 -4.67 31.14 -13.92
N ARG A 183 -3.80 32.10 -13.60
CA ARG A 183 -3.57 33.25 -14.48
C ARG A 183 -3.09 32.79 -15.85
N ALA A 184 -2.12 31.88 -15.88
CA ALA A 184 -1.59 31.39 -17.15
C ALA A 184 -2.66 30.57 -17.88
N TYR A 185 -3.32 29.70 -17.14
CA TYR A 185 -4.35 28.84 -17.71
C TYR A 185 -5.50 29.57 -18.40
N TYR A 186 -6.00 30.62 -17.77
CA TYR A 186 -7.13 31.35 -18.34
C TYR A 186 -6.81 32.61 -19.13
N SER A 187 -5.56 32.79 -19.53
CA SER A 187 -5.23 33.97 -20.30
C SER A 187 -6.04 34.07 -21.59
N LYS A 188 -6.42 35.30 -21.95
CA LYS A 188 -7.18 35.56 -23.17
C LYS A 188 -6.21 36.06 -24.22
N ASP A 189 -4.95 36.21 -23.82
CA ASP A 189 -3.93 36.71 -24.72
C ASP A 189 -3.31 35.56 -25.53
N SER A 190 -2.33 35.88 -26.34
CA SER A 190 -1.64 34.90 -27.16
C SER A 190 -0.50 35.61 -27.87
N PRO A 191 0.52 34.88 -28.33
CA PRO A 191 0.71 33.43 -28.24
C PRO A 191 0.83 32.86 -26.83
N LYS A 192 0.20 31.71 -26.62
CA LYS A 192 0.26 31.00 -25.35
C LYS A 192 1.11 29.78 -25.70
N ILE A 193 2.36 29.79 -25.25
CA ILE A 193 3.28 28.69 -25.56
C ILE A 193 3.57 27.73 -24.41
N TYR A 194 3.38 26.43 -24.68
CA TYR A 194 3.64 25.40 -23.70
C TYR A 194 4.91 24.66 -24.08
N VAL A 195 5.75 24.40 -23.08
CA VAL A 195 7.02 23.71 -23.30
C VAL A 195 7.01 22.47 -22.41
N LEU A 196 6.90 21.29 -23.02
CA LEU A 196 6.85 20.05 -22.26
C LEU A 196 8.05 19.12 -22.44
N GLY A 197 8.82 18.97 -21.37
CA GLY A 197 9.96 18.09 -21.38
C GLY A 197 9.82 17.07 -20.27
N GLY A 198 10.94 16.56 -19.76
CA GLY A 198 10.88 15.58 -18.70
C GLY A 198 10.52 14.19 -19.19
N ALA A 199 10.38 13.26 -18.25
CA ALA A 199 10.06 11.87 -18.57
C ALA A 199 8.62 11.44 -18.27
N LYS A 200 7.79 12.36 -17.76
CA LYS A 200 6.40 12.04 -17.45
C LYS A 200 5.57 12.09 -18.74
N VAL A 201 5.89 11.20 -19.67
CA VAL A 201 5.22 11.16 -20.97
C VAL A 201 3.70 11.06 -20.92
N GLU A 202 3.17 10.08 -20.20
CA GLU A 202 1.73 9.92 -20.12
C GLU A 202 1.01 11.18 -19.64
N ASP A 203 1.47 11.73 -18.53
CA ASP A 203 0.87 12.92 -17.96
C ASP A 203 1.08 14.15 -18.83
N SER A 204 2.21 14.21 -19.52
CA SER A 204 2.47 15.35 -20.39
C SER A 204 1.51 15.29 -21.57
N LEU A 205 1.22 14.08 -22.05
CA LEU A 205 0.30 13.92 -23.18
C LEU A 205 -1.11 14.36 -22.81
N LYS A 206 -1.50 14.16 -21.56
CA LYS A 206 -2.82 14.57 -21.12
C LYS A 206 -2.89 16.10 -21.12
N VAL A 207 -1.75 16.74 -20.87
CA VAL A 207 -1.71 18.19 -20.88
C VAL A 207 -1.85 18.66 -22.33
N VAL A 208 -1.00 18.13 -23.20
CA VAL A 208 -1.02 18.49 -24.61
C VAL A 208 -2.42 18.46 -25.19
N GLU A 209 -3.11 17.34 -25.02
CA GLU A 209 -4.47 17.18 -25.53
C GLU A 209 -5.47 18.15 -24.91
N ASN A 210 -5.36 18.38 -23.61
CA ASN A 210 -6.28 19.28 -22.95
C ASN A 210 -6.11 20.74 -23.37
N VAL A 211 -4.88 21.25 -23.29
CA VAL A 211 -4.63 22.63 -23.65
C VAL A 211 -4.89 22.94 -25.13
N LEU A 212 -4.59 21.99 -26.01
CA LEU A 212 -4.83 22.23 -27.44
C LEU A 212 -6.32 22.15 -27.77
N ARG A 213 -6.98 21.12 -27.26
CA ARG A 213 -8.40 20.91 -27.51
C ARG A 213 -9.26 22.01 -26.88
N ARG A 214 -8.84 22.52 -25.72
CA ARG A 214 -9.59 23.56 -25.04
C ARG A 214 -9.04 24.95 -25.36
N GLU A 215 -8.09 25.00 -26.29
CA GLU A 215 -7.49 26.25 -26.71
C GLU A 215 -6.80 27.10 -25.66
N ARG A 216 -6.17 26.45 -24.67
CA ARG A 216 -5.46 27.18 -23.63
C ARG A 216 -4.03 27.40 -24.13
N ALA A 217 -3.65 26.65 -25.17
CA ALA A 217 -2.33 26.75 -25.77
C ALA A 217 -2.43 26.97 -27.27
N ASP A 218 -1.51 27.76 -27.82
CA ASP A 218 -1.50 28.02 -29.25
C ASP A 218 -0.43 27.16 -29.89
N LEU A 219 0.53 26.72 -29.08
CA LEU A 219 1.62 25.90 -29.58
C LEU A 219 2.26 25.13 -28.43
N VAL A 220 2.75 23.93 -28.73
CA VAL A 220 3.41 23.08 -27.74
C VAL A 220 4.81 22.72 -28.25
N LEU A 221 5.83 23.04 -27.47
CA LEU A 221 7.21 22.70 -27.83
C LEU A 221 7.59 21.52 -26.95
N THR A 222 8.37 20.58 -27.48
CA THR A 222 8.74 19.42 -26.68
C THR A 222 10.24 19.16 -26.49
N GLY A 223 10.57 18.55 -25.36
CA GLY A 223 11.96 18.24 -25.05
C GLY A 223 11.99 16.94 -24.25
N GLY A 224 13.17 16.52 -23.83
CA GLY A 224 13.29 15.30 -23.05
C GLY A 224 12.66 14.07 -23.69
N LEU A 225 12.14 13.17 -22.87
CA LEU A 225 11.52 11.96 -23.39
C LEU A 225 10.21 12.25 -24.10
N VAL A 226 9.54 13.33 -23.69
CA VAL A 226 8.29 13.74 -24.31
C VAL A 226 8.58 13.99 -25.78
N ALA A 227 9.70 14.65 -26.06
CA ALA A 227 10.10 14.96 -27.42
C ALA A 227 10.46 13.68 -28.18
N ASN A 228 11.17 12.78 -27.52
CA ASN A 228 11.55 11.53 -28.18
C ASN A 228 10.34 10.74 -28.62
N VAL A 229 9.33 10.65 -27.74
CA VAL A 229 8.12 9.92 -28.06
C VAL A 229 7.38 10.56 -29.24
N PHE A 230 7.21 11.88 -29.22
CA PHE A 230 6.52 12.57 -30.32
C PHE A 230 7.30 12.46 -31.63
N THR A 231 8.61 12.50 -31.54
CA THR A 231 9.46 12.42 -32.71
C THR A 231 9.34 11.05 -33.37
N LEU A 232 9.21 10.02 -32.53
CA LEU A 232 9.07 8.66 -33.03
C LEU A 232 7.68 8.53 -33.65
N ALA A 233 6.69 9.07 -32.96
CA ALA A 233 5.31 9.03 -33.44
C ALA A 233 5.17 9.70 -34.80
N LYS A 234 6.06 10.65 -35.11
CA LYS A 234 5.98 11.32 -36.40
C LYS A 234 6.49 10.41 -37.51
N GLY A 235 7.32 9.43 -37.15
CA GLY A 235 7.85 8.51 -38.14
C GLY A 235 9.37 8.38 -38.17
N PHE A 236 10.07 9.29 -37.50
CA PHE A 236 11.53 9.24 -37.49
C PHE A 236 12.05 8.06 -36.71
N ASP A 237 13.20 7.55 -37.13
CA ASP A 237 13.84 6.43 -36.46
C ASP A 237 14.84 7.04 -35.48
N LEU A 238 14.62 6.85 -34.19
CA LEU A 238 15.53 7.40 -33.20
C LEU A 238 16.64 6.42 -32.83
N GLY A 239 16.68 5.28 -33.52
CA GLY A 239 17.71 4.29 -33.26
C GLY A 239 17.37 3.28 -32.19
N ARG A 240 17.96 2.09 -32.30
CA ARG A 240 17.72 1.00 -31.36
C ARG A 240 18.03 1.39 -29.92
N LYS A 241 19.19 2.01 -29.72
CA LYS A 241 19.63 2.42 -28.40
C LYS A 241 18.54 3.24 -27.70
N ASN A 242 17.93 4.14 -28.46
CA ASN A 242 16.89 5.02 -27.92
C ASN A 242 15.51 4.39 -27.87
N VAL A 243 15.18 3.56 -28.87
CA VAL A 243 13.87 2.92 -28.90
C VAL A 243 13.74 1.93 -27.75
N GLU A 244 14.83 1.23 -27.44
CA GLU A 244 14.82 0.28 -26.34
C GLU A 244 14.71 1.01 -25.02
N PHE A 245 15.34 2.18 -24.95
CA PHE A 245 15.30 2.98 -23.73
C PHE A 245 13.85 3.33 -23.43
N MET A 246 13.15 3.85 -24.43
CA MET A 246 11.75 4.21 -24.26
C MET A 246 10.95 2.97 -23.90
N LYS A 247 11.22 1.89 -24.63
CA LYS A 247 10.52 0.63 -24.38
C LYS A 247 10.69 0.19 -22.94
N LYS A 248 11.93 0.25 -22.46
CA LYS A 248 12.27 -0.15 -21.10
C LYS A 248 11.54 0.68 -20.05
N LYS A 249 10.91 1.77 -20.49
CA LYS A 249 10.17 2.65 -19.60
C LYS A 249 8.68 2.57 -19.90
N GLY A 250 8.30 1.60 -20.73
CA GLY A 250 6.90 1.44 -21.07
C GLY A 250 6.38 2.64 -21.85
N LEU A 251 7.27 3.60 -22.10
CA LEU A 251 6.90 4.81 -22.83
C LEU A 251 6.32 4.51 -24.22
N LEU A 252 6.59 3.32 -24.74
CA LEU A 252 6.06 2.95 -26.05
C LEU A 252 4.56 2.73 -25.95
N ASP A 253 4.08 2.45 -24.76
CA ASP A 253 2.65 2.24 -24.56
C ASP A 253 1.91 3.57 -24.68
N TYR A 254 2.65 4.63 -25.00
CA TYR A 254 2.08 5.96 -25.15
C TYR A 254 2.34 6.53 -26.53
N VAL A 255 3.18 5.84 -27.29
CA VAL A 255 3.50 6.27 -28.65
C VAL A 255 2.21 6.33 -29.45
N LYS A 256 1.33 5.38 -29.15
CA LYS A 256 0.03 5.30 -29.80
C LYS A 256 -0.73 6.60 -29.61
N HIS A 257 -0.93 6.98 -28.34
CA HIS A 257 -1.64 8.19 -27.98
C HIS A 257 -0.97 9.40 -28.65
N ALA A 258 0.36 9.39 -28.66
CA ALA A 258 1.13 10.46 -29.27
C ALA A 258 0.75 10.63 -30.74
N GLU A 259 0.67 9.53 -31.46
CA GLU A 259 0.32 9.58 -32.87
C GLU A 259 -1.09 10.15 -33.08
N GLU A 260 -2.02 9.74 -32.23
CA GLU A 260 -3.40 10.22 -32.33
C GLU A 260 -3.46 11.72 -32.09
N ILE A 261 -2.64 12.20 -31.16
CA ILE A 261 -2.61 13.62 -30.87
C ILE A 261 -1.98 14.33 -32.06
N LEU A 262 -0.97 13.71 -32.66
CA LEU A 262 -0.31 14.27 -33.82
C LEU A 262 -1.28 14.37 -34.99
N ASP A 263 -2.11 13.34 -35.17
CA ASP A 263 -3.08 13.34 -36.26
C ASP A 263 -4.06 14.49 -36.13
N GLU A 264 -4.43 14.82 -34.89
CA GLU A 264 -5.39 15.89 -34.66
C GLU A 264 -4.82 17.29 -34.55
N PHE A 265 -3.61 17.43 -34.00
CA PHE A 265 -2.99 18.74 -33.84
C PHE A 265 -1.57 18.84 -34.37
N TYR A 266 -1.26 18.06 -35.40
CA TYR A 266 0.09 18.04 -35.97
C TYR A 266 0.80 19.39 -36.08
N PRO A 267 0.15 20.39 -36.69
CA PRO A 267 0.72 21.72 -36.86
C PRO A 267 0.91 22.58 -35.62
N TYR A 268 0.34 22.14 -34.50
CA TYR A 268 0.47 22.91 -33.26
C TYR A 268 1.51 22.31 -32.33
N ILE A 269 2.22 21.30 -32.80
CA ILE A 269 3.24 20.64 -32.00
C ILE A 269 4.59 20.74 -32.68
N ARG A 270 5.62 21.05 -31.90
CA ARG A 270 6.97 21.17 -32.43
C ARG A 270 7.86 20.16 -31.72
N THR A 271 8.78 19.55 -32.48
CA THR A 271 9.71 18.58 -31.93
C THR A 271 11.11 18.99 -32.38
N PRO A 272 12.15 18.48 -31.70
CA PRO A 272 13.55 18.79 -32.03
C PRO A 272 13.95 18.48 -33.47
N VAL A 273 14.78 19.36 -34.05
CA VAL A 273 15.28 19.15 -35.41
C VAL A 273 16.68 18.58 -35.27
N ASP A 274 17.17 18.55 -34.04
CA ASP A 274 18.49 18.00 -33.75
C ASP A 274 18.61 17.59 -32.30
N PHE A 275 19.48 16.62 -32.04
CA PHE A 275 19.69 16.11 -30.70
C PHE A 275 21.16 16.02 -30.36
N ALA A 276 21.42 15.73 -29.09
CA ALA A 276 22.78 15.55 -28.61
C ALA A 276 22.82 14.14 -28.04
N VAL A 277 23.86 13.40 -28.39
CA VAL A 277 24.02 12.04 -27.89
C VAL A 277 25.26 11.94 -27.01
N ASP A 278 25.28 10.93 -26.16
CA ASP A 278 26.40 10.69 -25.28
C ASP A 278 27.38 9.77 -26.00
N TYR A 279 28.25 10.35 -26.82
CA TYR A 279 29.23 9.58 -27.57
C TYR A 279 30.52 9.41 -26.78
N LYS A 280 30.66 8.29 -26.09
CA LYS A 280 31.86 8.01 -25.32
C LYS A 280 32.11 9.10 -24.27
N GLY A 281 31.05 9.50 -23.57
CA GLY A 281 31.19 10.54 -22.56
C GLY A 281 31.11 11.97 -23.06
N GLU A 282 31.42 12.17 -24.34
CA GLU A 282 31.38 13.51 -24.92
C GLU A 282 30.02 13.84 -25.50
N ARG A 283 29.72 15.13 -25.58
CA ARG A 283 28.47 15.59 -26.13
C ARG A 283 28.63 15.73 -27.64
N VAL A 284 27.87 14.96 -28.39
CA VAL A 284 27.92 15.02 -29.85
C VAL A 284 26.52 15.29 -30.37
N GLU A 285 26.39 16.34 -31.16
CA GLU A 285 25.10 16.68 -31.72
C GLU A 285 24.92 16.18 -33.14
N ILE A 286 23.79 15.51 -33.37
CA ILE A 286 23.48 14.99 -34.68
C ILE A 286 22.22 15.70 -35.16
N ASP A 287 22.03 15.71 -36.47
CA ASP A 287 20.88 16.35 -37.05
C ASP A 287 19.93 15.25 -37.50
N LEU A 288 18.65 15.37 -37.17
CA LEU A 288 17.66 14.37 -37.52
C LEU A 288 17.63 14.06 -39.02
N LEU A 289 17.96 15.06 -39.84
CA LEU A 289 17.97 14.86 -41.29
C LEU A 289 19.35 14.57 -41.83
N SER A 290 20.38 14.98 -41.09
CA SER A 290 21.75 14.74 -41.54
C SER A 290 22.07 13.25 -41.51
N GLU A 291 23.22 12.89 -42.07
CA GLU A 291 23.63 11.49 -42.12
C GLU A 291 24.08 10.93 -40.77
N ASN A 292 24.77 11.76 -39.99
CA ASN A 292 25.25 11.34 -38.68
C ASN A 292 24.14 10.79 -37.79
N ARG A 293 22.92 10.83 -38.29
CA ARG A 293 21.76 10.33 -37.55
C ARG A 293 21.94 8.86 -37.21
N GLY A 294 22.82 8.19 -37.96
CA GLY A 294 23.07 6.78 -37.73
C GLY A 294 23.55 6.55 -36.31
N LEU A 295 24.24 7.56 -35.77
CA LEU A 295 24.78 7.51 -34.41
C LEU A 295 23.71 7.19 -33.37
N LEU A 296 22.46 7.49 -33.70
CA LEU A 296 21.35 7.25 -32.80
C LEU A 296 21.11 5.78 -32.51
N HIS A 297 21.58 4.90 -33.41
CA HIS A 297 21.36 3.48 -33.17
C HIS A 297 22.21 2.93 -32.04
N GLN A 298 23.39 3.51 -31.83
CA GLN A 298 24.27 3.04 -30.77
C GLN A 298 24.39 3.98 -29.56
N TYR A 299 24.24 5.28 -29.78
CA TYR A 299 24.35 6.23 -28.69
C TYR A 299 23.03 6.88 -28.28
N GLN A 300 22.87 7.05 -26.97
CA GLN A 300 21.65 7.61 -26.39
C GLN A 300 21.50 9.13 -26.41
N ILE A 301 20.30 9.56 -26.79
CA ILE A 301 19.97 10.98 -26.83
C ILE A 301 19.98 11.48 -25.38
N MET A 302 20.65 12.60 -25.14
CA MET A 302 20.76 13.16 -23.79
C MET A 302 20.28 14.61 -23.72
N ASP A 303 19.99 15.21 -24.86
CA ASP A 303 19.59 16.60 -24.89
C ASP A 303 19.15 17.01 -26.29
N ILE A 304 18.46 18.13 -26.39
CA ILE A 304 18.05 18.64 -27.69
C ILE A 304 19.27 19.37 -28.24
N GLY A 305 19.30 19.56 -29.55
CA GLY A 305 20.44 20.23 -30.16
C GLY A 305 20.36 21.74 -30.23
N LYS A 306 21.51 22.33 -30.55
CA LYS A 306 21.64 23.78 -30.66
C LYS A 306 20.58 24.46 -31.51
N ARG A 307 20.27 23.89 -32.67
CA ARG A 307 19.27 24.52 -33.53
C ARG A 307 17.84 24.43 -33.01
N THR A 308 17.54 23.43 -32.19
CA THR A 308 16.19 23.30 -31.65
C THR A 308 16.01 24.38 -30.58
N ALA A 309 17.00 24.49 -29.71
CA ALA A 309 16.96 25.47 -28.63
C ALA A 309 16.81 26.85 -29.26
N GLU A 310 17.57 27.07 -30.33
CA GLU A 310 17.55 28.30 -31.08
C GLU A 310 16.13 28.59 -31.59
N LYS A 311 15.52 27.60 -32.23
CA LYS A 311 14.17 27.77 -32.75
C LYS A 311 13.16 27.99 -31.62
N TYR A 312 13.32 27.25 -30.52
CA TYR A 312 12.41 27.40 -29.40
C TYR A 312 12.50 28.80 -28.81
N ARG A 313 13.72 29.35 -28.75
CA ARG A 313 13.91 30.70 -28.22
C ARG A 313 13.11 31.71 -29.04
N GLU A 314 13.25 31.65 -30.36
CA GLU A 314 12.53 32.58 -31.24
C GLU A 314 11.06 32.62 -30.89
N ILE A 315 10.47 31.43 -30.77
CA ILE A 315 9.05 31.31 -30.46
C ILE A 315 8.70 31.83 -29.07
N LEU A 316 9.50 31.46 -28.07
CA LEU A 316 9.24 31.88 -26.69
C LEU A 316 9.39 33.40 -26.50
N MET A 317 10.35 34.01 -27.20
CA MET A 317 10.57 35.44 -27.08
C MET A 317 9.36 36.27 -27.53
N LYS A 318 8.49 35.67 -28.35
CA LYS A 318 7.31 36.38 -28.84
C LYS A 318 6.00 35.95 -28.16
N ALA A 319 6.11 35.10 -27.14
CA ALA A 319 4.92 34.63 -26.43
C ALA A 319 4.39 35.66 -25.44
N ARG A 320 3.09 35.58 -25.17
CA ARG A 320 2.46 36.46 -24.19
C ARG A 320 2.33 35.64 -22.90
N ILE A 321 2.12 34.34 -23.06
CA ILE A 321 2.01 33.41 -21.94
C ILE A 321 2.91 32.19 -22.18
N ILE A 322 3.65 31.77 -21.16
CA ILE A 322 4.50 30.59 -21.27
C ILE A 322 4.26 29.65 -20.10
N VAL A 323 4.00 28.37 -20.40
CA VAL A 323 3.81 27.35 -19.37
C VAL A 323 4.83 26.25 -19.70
N ALA A 324 5.80 26.06 -18.83
CA ALA A 324 6.83 25.06 -19.08
C ALA A 324 6.96 24.06 -17.95
N ASN A 325 7.28 22.81 -18.30
CA ASN A 325 7.47 21.77 -17.30
C ASN A 325 8.54 20.78 -17.70
N GLY A 326 9.45 20.50 -16.77
CA GLY A 326 10.52 19.53 -17.02
C GLY A 326 11.67 20.00 -17.88
N PRO A 327 12.81 19.27 -17.84
CA PRO A 327 14.02 19.58 -18.60
C PRO A 327 13.95 19.16 -20.07
N MET A 328 14.85 19.72 -20.88
CA MET A 328 14.90 19.40 -22.30
C MET A 328 15.80 18.18 -22.54
N GLY A 329 16.62 17.86 -21.55
CA GLY A 329 17.52 16.73 -21.66
C GLY A 329 17.97 16.28 -20.28
N VAL A 330 19.14 15.64 -20.21
CA VAL A 330 19.68 15.16 -18.94
C VAL A 330 20.33 16.33 -18.24
N PHE A 331 19.47 17.14 -17.65
CA PHE A 331 19.77 18.37 -16.92
C PHE A 331 20.84 18.24 -15.83
N GLU A 332 20.82 17.13 -15.10
CA GLU A 332 21.78 16.92 -14.02
C GLU A 332 23.23 16.78 -14.46
N ARG A 333 23.44 16.42 -15.72
CA ARG A 333 24.80 16.26 -16.24
C ARG A 333 25.18 17.56 -16.96
N GLU A 334 26.27 18.17 -16.53
CA GLU A 334 26.73 19.43 -17.10
C GLU A 334 26.75 19.48 -18.62
N GLU A 335 27.42 18.53 -19.25
CA GLU A 335 27.53 18.50 -20.72
C GLU A 335 26.22 18.29 -21.47
N PHE A 336 25.17 17.91 -20.75
CA PHE A 336 23.88 17.69 -21.39
C PHE A 336 22.78 18.55 -20.77
N ALA A 337 23.17 19.72 -20.28
CA ALA A 337 22.24 20.66 -19.66
C ALA A 337 21.99 21.88 -20.55
N ILE A 338 22.89 22.09 -21.51
CA ILE A 338 22.81 23.23 -22.45
C ILE A 338 21.42 23.49 -22.99
N GLY A 339 20.79 22.44 -23.52
CA GLY A 339 19.46 22.59 -24.08
C GLY A 339 18.46 23.14 -23.09
N THR A 340 18.48 22.61 -21.88
CA THR A 340 17.57 23.07 -20.84
C THR A 340 17.88 24.51 -20.43
N VAL A 341 19.16 24.80 -20.20
CA VAL A 341 19.58 26.15 -19.81
C VAL A 341 19.16 27.19 -20.84
N GLU A 342 19.35 26.90 -22.13
CA GLU A 342 18.98 27.83 -23.19
C GLU A 342 17.47 28.06 -23.28
N VAL A 343 16.69 27.00 -23.17
CA VAL A 343 15.24 27.15 -23.24
C VAL A 343 14.73 27.92 -22.01
N PHE A 344 15.28 27.62 -20.83
CA PHE A 344 14.86 28.30 -19.61
C PHE A 344 15.29 29.77 -19.62
N LYS A 345 16.46 30.06 -20.20
CA LYS A 345 16.89 31.46 -20.28
C LYS A 345 15.99 32.21 -21.26
N ALA A 346 15.54 31.53 -22.31
CA ALA A 346 14.64 32.15 -23.29
C ALA A 346 13.32 32.50 -22.61
N ILE A 347 12.84 31.60 -21.75
CA ILE A 347 11.61 31.85 -21.02
C ILE A 347 11.79 33.07 -20.12
N ALA A 348 12.93 33.13 -19.45
CA ALA A 348 13.24 34.23 -18.55
C ALA A 348 13.38 35.60 -19.24
N ASP A 349 13.98 35.62 -20.43
CA ASP A 349 14.17 36.87 -21.17
C ASP A 349 12.90 37.31 -21.86
N SER A 350 12.01 36.36 -22.12
CA SER A 350 10.76 36.69 -22.78
C SER A 350 9.92 37.63 -21.92
N PRO A 351 9.17 38.55 -22.54
CA PRO A 351 8.32 39.50 -21.81
C PRO A 351 7.03 38.83 -21.36
N ALA A 352 6.85 37.59 -21.79
CA ALA A 352 5.66 36.83 -21.43
C ALA A 352 5.52 36.61 -19.93
N PHE A 353 4.29 36.32 -19.51
CA PHE A 353 4.01 35.97 -18.13
C PHE A 353 4.40 34.50 -18.20
N SER A 354 5.39 34.09 -17.41
CA SER A 354 5.85 32.72 -17.48
C SER A 354 5.75 31.91 -16.19
N VAL A 355 5.50 30.62 -16.35
CA VAL A 355 5.41 29.67 -15.25
C VAL A 355 6.26 28.47 -15.65
N LEU A 356 7.15 28.05 -14.77
CA LEU A 356 8.02 26.91 -15.03
C LEU A 356 7.98 25.96 -13.85
N GLY A 357 7.65 24.69 -14.10
CA GLY A 357 7.59 23.71 -13.04
C GLY A 357 8.38 22.49 -13.42
N GLY A 358 8.29 21.44 -12.61
CA GLY A 358 9.02 20.21 -12.90
C GLY A 358 9.40 19.48 -11.64
N GLY A 359 9.33 20.17 -10.49
CA GLY A 359 9.68 19.52 -9.24
C GLY A 359 11.14 19.06 -9.23
N HIS A 360 11.37 17.84 -8.76
CA HIS A 360 12.72 17.27 -8.69
C HIS A 360 13.46 17.25 -10.04
N SER A 361 12.72 17.08 -11.13
CA SER A 361 13.31 17.02 -12.47
C SER A 361 14.06 18.29 -12.88
N ILE A 362 13.73 19.44 -12.31
CA ILE A 362 14.42 20.67 -12.67
C ILE A 362 15.21 21.27 -11.52
N ALA A 363 15.50 20.46 -10.51
CA ALA A 363 16.26 20.91 -9.34
C ALA A 363 17.62 21.50 -9.69
N SER A 364 18.22 21.02 -10.78
CA SER A 364 19.52 21.51 -11.20
C SER A 364 19.48 22.97 -11.62
N ILE A 365 18.30 23.57 -11.69
CA ILE A 365 18.21 24.96 -12.11
C ILE A 365 18.92 25.86 -11.11
N GLN A 366 19.07 25.38 -9.88
CA GLN A 366 19.73 26.13 -8.82
C GLN A 366 21.22 26.39 -9.09
N LYS A 367 21.75 25.87 -10.19
CA LYS A 367 23.15 26.08 -10.51
C LYS A 367 23.38 27.11 -11.62
N TYR A 368 22.31 27.59 -12.25
CA TYR A 368 22.49 28.52 -13.36
C TYR A 368 22.02 29.96 -13.16
N GLY A 369 21.54 30.27 -11.96
CA GLY A 369 21.07 31.62 -11.68
C GLY A 369 20.30 32.26 -12.81
N ILE A 370 19.15 31.67 -13.14
CA ILE A 370 18.31 32.18 -14.20
C ILE A 370 17.24 33.08 -13.56
N THR A 371 17.17 34.34 -14.01
CA THR A 371 16.21 35.31 -13.47
C THR A 371 15.27 35.85 -14.55
N GLY A 372 14.06 36.23 -14.14
CA GLY A 372 13.11 36.77 -15.09
C GLY A 372 11.81 35.98 -15.23
N ILE A 373 11.86 34.70 -14.89
CA ILE A 373 10.68 33.86 -14.99
C ILE A 373 9.66 34.36 -13.95
N THR A 374 8.44 34.63 -14.38
CA THR A 374 7.46 35.17 -13.45
C THR A 374 7.20 34.27 -12.25
N HIS A 375 7.00 32.98 -12.51
CA HIS A 375 6.71 32.06 -11.42
C HIS A 375 7.29 30.69 -11.61
N ILE A 376 8.19 30.31 -10.70
CA ILE A 376 8.78 28.99 -10.75
C ILE A 376 8.02 28.19 -9.69
N SER A 377 7.19 27.27 -10.15
CA SER A 377 6.39 26.42 -9.28
C SER A 377 7.23 25.32 -8.62
N THR A 378 6.80 24.89 -7.44
CA THR A 378 7.48 23.81 -6.72
C THR A 378 6.90 22.50 -7.25
N GLY A 379 5.86 22.62 -8.06
CA GLY A 379 5.19 21.44 -8.58
C GLY A 379 5.71 20.84 -9.87
N GLY A 380 5.59 19.51 -9.94
CA GLY A 380 5.98 18.76 -11.12
C GLY A 380 4.72 18.01 -11.52
N GLY A 381 4.50 16.85 -10.89
CA GLY A 381 3.31 16.06 -11.18
C GLY A 381 2.06 16.88 -10.89
N ALA A 382 2.11 17.67 -9.82
CA ALA A 382 0.98 18.50 -9.44
C ALA A 382 0.64 19.53 -10.53
N MET A 383 1.68 20.11 -11.12
CA MET A 383 1.48 21.11 -12.17
C MET A 383 0.91 20.47 -13.43
N LEU A 384 1.42 19.30 -13.79
CA LEU A 384 0.94 18.60 -14.96
C LEU A 384 -0.54 18.22 -14.79
N SER A 385 -0.91 17.81 -13.59
CA SER A 385 -2.31 17.45 -13.35
C SER A 385 -3.18 18.69 -13.53
N PHE A 386 -2.71 19.82 -13.02
CA PHE A 386 -3.46 21.08 -13.15
C PHE A 386 -3.67 21.51 -14.60
N PHE A 387 -2.61 21.52 -15.39
CA PHE A 387 -2.75 21.95 -16.77
C PHE A 387 -3.42 20.90 -17.66
N ALA A 388 -3.75 19.76 -17.06
CA ALA A 388 -4.43 18.70 -17.78
C ALA A 388 -5.94 18.90 -17.53
N GLY A 389 -6.25 19.87 -16.68
CA GLY A 389 -7.64 20.16 -16.38
C GLY A 389 -8.23 19.25 -15.32
N GLU A 390 -7.36 18.58 -14.56
CA GLU A 390 -7.81 17.68 -13.51
C GLU A 390 -7.93 18.44 -12.20
N GLU A 391 -9.01 18.15 -11.47
CA GLU A 391 -9.22 18.82 -10.19
C GLU A 391 -8.16 18.31 -9.24
N LEU A 392 -7.58 19.21 -8.45
CA LEU A 392 -6.57 18.86 -7.46
C LEU A 392 -7.27 18.60 -6.12
N PRO A 393 -7.16 17.37 -5.59
CA PRO A 393 -7.79 16.99 -4.32
C PRO A 393 -7.58 18.00 -3.19
N VAL A 394 -6.34 18.47 -3.03
CA VAL A 394 -6.04 19.44 -1.99
C VAL A 394 -6.84 20.74 -2.13
N LEU A 395 -6.99 21.21 -3.37
CA LEU A 395 -7.74 22.45 -3.60
C LEU A 395 -9.22 22.22 -3.29
N ARG A 396 -9.72 21.05 -3.67
CA ARG A 396 -11.11 20.70 -3.39
C ARG A 396 -11.34 20.65 -1.89
N ALA A 397 -10.39 20.06 -1.17
CA ALA A 397 -10.49 19.95 0.28
C ALA A 397 -10.48 21.32 0.92
N LEU A 398 -9.61 22.21 0.41
CA LEU A 398 -9.53 23.56 0.92
C LEU A 398 -10.87 24.25 0.75
N GLN A 399 -11.50 24.05 -0.40
CA GLN A 399 -12.80 24.66 -0.68
C GLN A 399 -13.86 24.07 0.26
N ILE A 400 -13.80 22.76 0.48
CA ILE A 400 -14.74 22.08 1.36
C ILE A 400 -14.57 22.54 2.81
N SER A 401 -13.32 22.73 3.23
CA SER A 401 -13.03 23.18 4.60
C SER A 401 -13.56 24.60 4.81
N TYR A 402 -13.36 25.46 3.81
CA TYR A 402 -13.82 26.85 3.87
C TYR A 402 -15.35 26.90 3.99
N GLU A 403 -16.04 26.28 3.04
CA GLU A 403 -17.49 26.26 3.04
C GLU A 403 -18.08 25.67 4.32
N LYS A 404 -17.25 24.94 5.05
CA LYS A 404 -17.69 24.28 6.29
C LYS A 404 -17.49 25.12 7.54
N PHE A 405 -16.36 25.81 7.64
CA PHE A 405 -16.07 26.62 8.83
C PHE A 405 -16.24 28.12 8.65
N MET B 1 15.25 -25.21 11.19
CA MET B 1 14.47 -24.23 11.99
C MET B 1 14.74 -24.35 13.49
N PHE B 2 14.98 -23.21 14.14
CA PHE B 2 15.24 -23.18 15.57
C PHE B 2 13.97 -23.48 16.35
N ARG B 3 14.14 -23.91 17.60
CA ARG B 3 13.03 -24.21 18.49
C ARG B 3 13.22 -23.37 19.74
N LEU B 4 12.18 -23.22 20.54
CA LEU B 4 12.27 -22.42 21.75
C LEU B 4 13.31 -22.93 22.75
N GLU B 5 13.67 -24.21 22.64
CA GLU B 5 14.64 -24.79 23.55
C GLU B 5 16.08 -24.61 23.08
N ASP B 6 16.27 -24.26 21.81
CA ASP B 6 17.62 -24.07 21.28
C ASP B 6 18.29 -22.80 21.82
N PHE B 7 17.56 -22.01 22.61
CA PHE B 7 18.09 -20.78 23.17
C PHE B 7 17.69 -20.56 24.62
N ASN B 8 18.46 -19.70 25.29
CA ASN B 8 18.19 -19.32 26.67
C ASN B 8 17.73 -17.87 26.62
N PHE B 9 16.46 -17.65 26.93
CA PHE B 9 15.88 -16.31 26.88
C PHE B 9 15.92 -15.56 28.21
N HIS B 10 16.86 -15.90 29.07
CA HIS B 10 16.92 -15.19 30.35
C HIS B 10 17.40 -13.77 30.15
N ASN B 11 16.60 -12.82 30.62
CA ASN B 11 16.90 -11.40 30.51
C ASN B 11 17.20 -11.00 29.08
N LYS B 12 16.58 -11.72 28.13
CA LYS B 12 16.76 -11.42 26.72
C LYS B 12 15.53 -10.67 26.23
N THR B 13 15.72 -9.84 25.21
CA THR B 13 14.62 -9.09 24.64
C THR B 13 14.17 -9.81 23.39
N VAL B 14 12.96 -10.36 23.43
CA VAL B 14 12.43 -11.10 22.29
C VAL B 14 11.20 -10.44 21.64
N PHE B 15 11.25 -10.29 20.32
CA PHE B 15 10.13 -9.74 19.57
C PHE B 15 9.28 -10.95 19.17
N LEU B 16 8.15 -11.12 19.86
CA LEU B 16 7.26 -12.23 19.58
C LEU B 16 6.20 -11.85 18.56
N ARG B 17 6.43 -12.19 17.29
CA ARG B 17 5.46 -11.90 16.24
C ARG B 17 4.41 -12.99 16.20
N VAL B 18 3.19 -12.62 16.54
CA VAL B 18 2.10 -13.59 16.52
C VAL B 18 0.99 -13.02 15.66
N ASP B 19 -0.02 -13.84 15.39
CA ASP B 19 -1.14 -13.38 14.61
C ASP B 19 -2.34 -13.27 15.54
N LEU B 20 -2.58 -12.08 16.04
CA LEU B 20 -3.72 -11.84 16.92
C LEU B 20 -4.76 -11.03 16.13
N ASN B 21 -4.64 -11.06 14.81
CA ASN B 21 -5.59 -10.37 13.94
C ASN B 21 -6.89 -11.14 14.17
N SER B 22 -7.82 -10.51 14.89
CA SER B 22 -9.06 -11.19 15.24
C SER B 22 -10.33 -10.68 14.59
N PRO B 23 -11.35 -11.55 14.51
CA PRO B 23 -12.61 -11.13 13.91
C PRO B 23 -13.22 -10.07 14.82
N MET B 24 -13.90 -9.11 14.23
CA MET B 24 -14.48 -8.03 15.00
C MET B 24 -15.88 -7.63 14.60
N LYS B 25 -16.52 -6.92 15.52
CA LYS B 25 -17.86 -6.42 15.31
C LYS B 25 -17.79 -5.01 15.89
N ASP B 26 -17.99 -4.01 15.04
CA ASP B 26 -17.93 -2.62 15.49
C ASP B 26 -16.64 -2.29 16.23
N GLY B 27 -15.51 -2.73 15.68
CA GLY B 27 -14.22 -2.42 16.29
C GLY B 27 -13.83 -3.15 17.55
N LYS B 28 -14.63 -4.14 17.96
CA LYS B 28 -14.29 -4.89 19.17
C LYS B 28 -14.11 -6.36 18.84
N ILE B 29 -13.20 -7.01 19.56
CA ILE B 29 -12.89 -8.43 19.36
C ILE B 29 -14.06 -9.32 19.78
N ILE B 30 -14.46 -10.21 18.88
CA ILE B 30 -15.57 -11.12 19.17
C ILE B 30 -15.12 -12.57 19.29
N SER B 31 -13.80 -12.79 19.24
CA SER B 31 -13.23 -14.12 19.37
C SER B 31 -11.79 -14.00 19.81
N ASP B 32 -11.44 -14.71 20.88
CA ASP B 32 -10.08 -14.67 21.42
C ASP B 32 -9.30 -15.95 21.12
N ALA B 33 -9.82 -16.77 20.22
CA ALA B 33 -9.19 -18.04 19.87
C ALA B 33 -7.72 -17.91 19.51
N ARG B 34 -7.36 -16.86 18.78
CA ARG B 34 -5.96 -16.69 18.41
C ARG B 34 -5.07 -16.29 19.58
N PHE B 35 -5.67 -15.71 20.62
CA PHE B 35 -4.94 -15.32 21.81
C PHE B 35 -4.58 -16.56 22.62
N LYS B 36 -5.52 -17.48 22.75
CA LYS B 36 -5.28 -18.70 23.50
C LYS B 36 -4.25 -19.59 22.82
N ALA B 37 -4.28 -19.60 21.49
CA ALA B 37 -3.35 -20.41 20.72
C ALA B 37 -1.88 -20.05 20.96
N VAL B 38 -1.62 -18.83 21.43
CA VAL B 38 -0.23 -18.43 21.66
C VAL B 38 0.17 -18.33 23.13
N LEU B 39 -0.75 -18.63 24.04
CA LEU B 39 -0.44 -18.58 25.46
C LEU B 39 0.72 -19.48 25.85
N PRO B 40 0.74 -20.73 25.36
CA PRO B 40 1.85 -21.62 25.72
C PRO B 40 3.21 -21.00 25.41
N THR B 41 3.28 -20.25 24.31
CA THR B 41 4.54 -19.62 23.92
C THR B 41 4.89 -18.43 24.81
N ILE B 42 3.88 -17.69 25.23
CA ILE B 42 4.08 -16.53 26.08
C ILE B 42 4.48 -16.96 27.49
N ARG B 43 3.82 -18.01 28.00
CA ARG B 43 4.11 -18.54 29.33
C ARG B 43 5.57 -18.96 29.40
N TYR B 44 6.01 -19.74 28.42
CA TYR B 44 7.38 -20.22 28.36
C TYR B 44 8.38 -19.07 28.39
N LEU B 45 8.18 -18.08 27.53
CA LEU B 45 9.08 -16.93 27.47
C LEU B 45 9.17 -16.24 28.82
N ILE B 46 8.01 -16.04 29.45
CA ILE B 46 7.98 -15.41 30.76
C ILE B 46 8.86 -16.22 31.70
N GLU B 47 8.55 -17.50 31.84
CA GLU B 47 9.30 -18.40 32.71
C GLU B 47 10.79 -18.36 32.43
N SER B 48 11.16 -18.09 31.20
CA SER B 48 12.57 -18.02 30.83
C SER B 48 13.16 -16.66 31.23
N GLY B 49 12.32 -15.81 31.81
CA GLY B 49 12.76 -14.50 32.24
C GLY B 49 13.16 -13.60 31.08
N ALA B 50 12.42 -13.70 29.97
CA ALA B 50 12.70 -12.89 28.81
C ALA B 50 11.88 -11.61 28.82
N LYS B 51 12.33 -10.64 28.04
CA LYS B 51 11.63 -9.36 27.90
C LYS B 51 10.83 -9.53 26.62
N VAL B 52 9.55 -9.84 26.79
CA VAL B 52 8.64 -10.09 25.68
C VAL B 52 7.91 -8.89 25.08
N VAL B 53 8.20 -8.63 23.81
CA VAL B 53 7.58 -7.53 23.08
C VAL B 53 6.72 -8.16 21.99
N ILE B 54 5.41 -8.14 22.17
CA ILE B 54 4.49 -8.73 21.22
C ILE B 54 4.18 -7.83 20.01
N GLY B 55 4.14 -8.45 18.84
CA GLY B 55 3.84 -7.71 17.64
C GLY B 55 2.78 -8.42 16.82
N THR B 56 1.72 -7.71 16.48
CA THR B 56 0.67 -8.31 15.67
C THR B 56 0.03 -7.25 14.79
N HIS B 57 -0.62 -7.69 13.74
CA HIS B 57 -1.33 -6.78 12.86
C HIS B 57 -2.80 -7.01 13.19
N GLN B 58 -3.66 -6.10 12.76
CA GLN B 58 -5.10 -6.22 12.96
C GLN B 58 -5.69 -5.57 11.72
N GLY B 59 -6.41 -6.37 10.93
CA GLY B 59 -7.02 -5.89 9.70
C GLY B 59 -6.00 -5.36 8.72
N LYS B 60 -6.41 -4.34 7.96
CA LYS B 60 -5.56 -3.67 6.99
C LYS B 60 -6.06 -2.23 6.93
N PRO B 61 -5.20 -1.28 6.52
CA PRO B 61 -5.60 0.12 6.45
C PRO B 61 -6.96 0.33 5.77
N TYR B 62 -7.78 1.17 6.39
CA TYR B 62 -9.11 1.50 5.87
C TYR B 62 -10.16 0.39 6.02
N SER B 63 -9.79 -0.72 6.64
CA SER B 63 -10.76 -1.79 6.83
C SER B 63 -11.57 -1.52 8.08
N GLU B 64 -12.73 -2.17 8.19
CA GLU B 64 -13.60 -2.00 9.34
C GLU B 64 -12.98 -2.62 10.59
N ASP B 65 -12.15 -3.64 10.41
CA ASP B 65 -11.54 -4.26 11.58
C ASP B 65 -10.08 -3.87 11.78
N TYR B 66 -9.73 -2.65 11.36
CA TYR B 66 -8.38 -2.08 11.49
C TYR B 66 -8.50 -1.21 12.73
N THR B 67 -7.76 -1.56 13.78
CA THR B 67 -7.82 -0.84 15.03
C THR B 67 -6.45 -0.83 15.69
N THR B 68 -6.32 -0.12 16.81
CA THR B 68 -5.07 -0.13 17.56
C THR B 68 -5.03 -1.50 18.23
N THR B 69 -3.93 -1.82 18.91
CA THR B 69 -3.82 -3.10 19.58
C THR B 69 -4.14 -2.97 21.07
N GLU B 70 -4.78 -1.85 21.46
CA GLU B 70 -5.08 -1.63 22.86
C GLU B 70 -6.06 -2.64 23.47
N GLU B 71 -7.08 -3.06 22.72
CA GLU B 71 -7.98 -4.04 23.29
C GLU B 71 -7.27 -5.38 23.36
N HIS B 72 -6.38 -5.64 22.40
CA HIS B 72 -5.61 -6.88 22.38
C HIS B 72 -4.78 -6.96 23.65
N ALA B 73 -4.34 -5.80 24.13
CA ALA B 73 -3.53 -5.73 25.35
C ALA B 73 -4.36 -6.21 26.54
N ARG B 74 -5.60 -5.73 26.62
CA ARG B 74 -6.49 -6.12 27.70
C ARG B 74 -6.72 -7.63 27.66
N VAL B 75 -7.30 -8.10 26.57
CA VAL B 75 -7.59 -9.53 26.40
C VAL B 75 -6.41 -10.39 26.78
N LEU B 76 -5.24 -10.01 26.29
CA LEU B 76 -4.01 -10.74 26.58
C LEU B 76 -3.69 -10.70 28.08
N SER B 77 -3.98 -9.58 28.73
CA SER B 77 -3.71 -9.44 30.16
C SER B 77 -4.51 -10.45 30.96
N GLU B 78 -5.79 -10.56 30.65
CA GLU B 78 -6.69 -11.48 31.33
C GLU B 78 -6.25 -12.92 31.14
N LEU B 79 -6.16 -13.35 29.89
CA LEU B 79 -5.75 -14.72 29.57
C LEU B 79 -4.44 -15.11 30.24
N LEU B 80 -3.56 -14.14 30.44
CA LEU B 80 -2.27 -14.40 31.05
C LEU B 80 -2.30 -14.08 32.54
N ASP B 81 -3.31 -13.33 32.94
CA ASP B 81 -3.48 -12.90 34.33
C ASP B 81 -2.42 -11.85 34.69
N GLN B 82 -1.46 -11.65 33.78
CA GLN B 82 -0.36 -10.71 33.94
C GLN B 82 -0.60 -9.48 33.03
N HIS B 83 -0.85 -8.32 33.63
CA HIS B 83 -1.11 -7.09 32.86
C HIS B 83 -0.08 -6.76 31.78
N VAL B 84 -0.54 -6.74 30.54
CA VAL B 84 0.30 -6.44 29.39
C VAL B 84 0.13 -4.96 29.05
N GLU B 85 1.25 -4.26 28.89
CA GLU B 85 1.20 -2.86 28.57
C GLU B 85 1.11 -2.55 27.09
N TYR B 86 0.21 -1.64 26.74
CA TYR B 86 0.01 -1.22 25.37
C TYR B 86 0.97 -0.10 25.03
N ILE B 87 1.91 -0.37 24.12
CA ILE B 87 2.89 0.63 23.70
C ILE B 87 2.40 1.25 22.40
N GLU B 88 1.99 2.52 22.45
CA GLU B 88 1.46 3.18 21.27
C GLU B 88 2.54 3.69 20.32
N ASP B 89 3.20 2.74 19.66
CA ASP B 89 4.26 3.02 18.70
C ASP B 89 4.72 1.65 18.21
N ILE B 90 5.53 1.63 17.16
CA ILE B 90 6.05 0.39 16.62
C ILE B 90 7.57 0.30 16.79
N PHE B 91 8.28 1.20 16.11
CA PHE B 91 9.73 1.20 16.14
C PHE B 91 10.32 2.59 16.38
N GLY B 92 9.46 3.55 16.69
CA GLY B 92 9.90 4.91 16.94
C GLY B 92 10.61 5.08 18.27
N ARG B 93 10.95 6.33 18.57
CA ARG B 93 11.64 6.64 19.81
C ARG B 93 10.96 6.08 21.05
N TYR B 94 9.66 6.36 21.17
CA TYR B 94 8.88 5.90 22.31
C TYR B 94 8.91 4.38 22.42
N ALA B 95 8.73 3.71 21.29
CA ALA B 95 8.75 2.25 21.26
C ALA B 95 10.07 1.68 21.78
N ARG B 96 11.19 2.16 21.25
CA ARG B 96 12.49 1.67 21.67
C ARG B 96 12.75 1.89 23.16
N GLU B 97 12.33 3.03 23.70
CA GLU B 97 12.55 3.31 25.12
C GLU B 97 11.67 2.44 25.99
N LYS B 98 10.43 2.21 25.57
CA LYS B 98 9.53 1.38 26.35
C LYS B 98 10.08 -0.04 26.39
N ILE B 99 10.54 -0.52 25.25
CA ILE B 99 11.10 -1.86 25.15
C ILE B 99 12.32 -2.00 26.05
N LYS B 100 13.18 -0.98 26.05
CA LYS B 100 14.38 -0.99 26.88
C LYS B 100 14.02 -1.12 28.36
N GLU B 101 12.94 -0.45 28.74
CA GLU B 101 12.50 -0.45 30.14
C GLU B 101 11.81 -1.74 30.60
N LEU B 102 11.72 -2.74 29.74
CA LEU B 102 11.08 -4.00 30.11
C LEU B 102 11.97 -4.84 31.03
N LYS B 103 11.35 -5.41 32.06
CA LYS B 103 12.06 -6.26 33.01
C LYS B 103 11.91 -7.69 32.53
N SER B 104 12.77 -8.57 33.02
CA SER B 104 12.69 -9.97 32.63
C SER B 104 11.34 -10.51 33.09
N GLY B 105 10.63 -11.19 32.21
CA GLY B 105 9.34 -11.74 32.59
C GLY B 105 8.16 -10.83 32.32
N GLU B 106 8.44 -9.61 31.86
CA GLU B 106 7.37 -8.66 31.56
C GLU B 106 6.92 -8.81 30.11
N VAL B 107 5.66 -8.50 29.86
CA VAL B 107 5.12 -8.60 28.52
C VAL B 107 4.46 -7.29 28.10
N ALA B 108 4.70 -6.88 26.86
CA ALA B 108 4.13 -5.66 26.32
C ALA B 108 3.76 -5.93 24.86
N ILE B 109 2.87 -5.10 24.31
CA ILE B 109 2.47 -5.27 22.92
C ILE B 109 2.60 -3.94 22.18
N LEU B 110 3.25 -3.96 21.03
CA LEU B 110 3.42 -2.76 20.21
C LEU B 110 2.11 -2.46 19.49
N GLU B 111 2.06 -1.29 18.87
CA GLU B 111 0.89 -0.84 18.11
C GLU B 111 0.69 -1.76 16.90
N ASN B 112 -0.54 -1.81 16.40
CA ASN B 112 -0.89 -2.59 15.20
C ASN B 112 0.24 -2.44 14.21
N LEU B 113 0.92 -3.55 13.87
CA LEU B 113 2.04 -3.47 12.94
C LEU B 113 1.66 -2.88 11.59
N ARG B 114 0.42 -3.10 11.15
CA ARG B 114 0.00 -2.55 9.87
C ARG B 114 -0.33 -1.05 9.89
N PHE B 115 0.15 -0.37 10.92
CA PHE B 115 0.01 1.09 10.97
C PHE B 115 1.28 1.55 10.21
N SER B 116 2.19 0.61 10.00
CA SER B 116 3.44 0.90 9.29
C SER B 116 3.29 0.71 7.80
N ALA B 117 3.66 1.73 7.03
CA ALA B 117 3.59 1.68 5.57
C ALA B 117 4.50 0.60 4.98
N GLU B 118 5.59 0.29 5.67
CA GLU B 118 6.52 -0.73 5.19
C GLU B 118 5.96 -2.12 5.44
N GLU B 119 5.37 -2.32 6.61
CA GLU B 119 4.79 -3.61 7.01
C GLU B 119 3.71 -4.18 6.08
N VAL B 120 2.87 -3.31 5.52
CA VAL B 120 1.79 -3.79 4.65
C VAL B 120 2.22 -4.35 3.30
N LYS B 121 3.45 -4.10 2.89
CA LYS B 121 3.92 -4.64 1.62
C LYS B 121 4.55 -6.03 1.76
N ASN B 122 4.35 -6.86 0.75
CA ASN B 122 4.96 -8.18 0.72
C ASN B 122 6.18 -7.96 -0.17
N LYS B 123 7.37 -8.12 0.40
CA LYS B 123 8.61 -7.88 -0.35
C LYS B 123 9.62 -8.98 -0.05
N PRO B 124 10.65 -9.09 -0.90
CA PRO B 124 11.69 -10.10 -0.70
C PRO B 124 12.38 -9.83 0.63
N ILE B 125 12.99 -10.86 1.23
CA ILE B 125 13.68 -10.67 2.50
C ILE B 125 14.75 -9.57 2.38
N GLU B 126 15.40 -9.49 1.21
CA GLU B 126 16.45 -8.52 0.97
C GLU B 126 15.97 -7.07 1.16
N GLU B 127 14.71 -6.81 0.80
CA GLU B 127 14.16 -5.47 0.95
C GLU B 127 13.56 -5.27 2.34
N CYS B 128 13.02 -6.33 2.92
CA CYS B 128 12.42 -6.26 4.25
C CYS B 128 13.44 -5.93 5.34
N GLU B 129 14.64 -6.48 5.20
CA GLU B 129 15.69 -6.26 6.20
C GLU B 129 16.30 -4.86 6.14
N LYS B 130 15.97 -4.12 5.09
CA LYS B 130 16.47 -2.76 4.92
C LYS B 130 15.42 -1.72 5.32
N THR B 131 14.31 -2.19 5.89
CA THR B 131 13.24 -1.29 6.31
C THR B 131 13.57 -0.59 7.61
N PHE B 132 12.93 0.55 7.84
CA PHE B 132 13.15 1.27 9.08
C PHE B 132 12.59 0.44 10.23
N LEU B 133 11.51 -0.31 9.97
CA LEU B 133 10.92 -1.13 11.02
C LEU B 133 11.93 -2.17 11.53
N VAL B 134 12.53 -2.92 10.61
CA VAL B 134 13.50 -3.93 11.00
C VAL B 134 14.78 -3.29 11.54
N LYS B 135 15.37 -2.36 10.79
CA LYS B 135 16.59 -1.69 11.23
C LYS B 135 16.48 -1.07 12.62
N LYS B 136 15.40 -0.34 12.86
CA LYS B 136 15.25 0.30 14.16
C LYS B 136 14.91 -0.66 15.30
N LEU B 137 14.09 -1.67 15.03
CA LEU B 137 13.75 -2.62 16.07
C LEU B 137 14.91 -3.57 16.37
N SER B 138 15.74 -3.84 15.37
CA SER B 138 16.88 -4.74 15.56
C SER B 138 17.87 -4.27 16.62
N LYS B 139 17.87 -2.97 16.89
CA LYS B 139 18.79 -2.40 17.88
C LYS B 139 18.34 -2.55 19.33
N VAL B 140 17.15 -3.07 19.54
CA VAL B 140 16.65 -3.23 20.91
C VAL B 140 16.11 -4.63 21.22
N ILE B 141 16.30 -5.56 20.29
CA ILE B 141 15.83 -6.93 20.51
C ILE B 141 16.95 -7.92 20.23
N ASP B 142 16.92 -9.05 20.94
CA ASP B 142 17.93 -10.08 20.77
C ASP B 142 17.42 -11.21 19.88
N TYR B 143 16.19 -11.64 20.12
CA TYR B 143 15.62 -12.73 19.35
C TYR B 143 14.20 -12.47 18.84
N VAL B 144 13.85 -13.17 17.78
CA VAL B 144 12.53 -13.07 17.18
C VAL B 144 11.87 -14.44 17.22
N VAL B 145 10.75 -14.54 17.94
CA VAL B 145 9.98 -15.77 18.04
C VAL B 145 8.76 -15.55 17.15
N ASN B 146 8.69 -16.30 16.05
CA ASN B 146 7.57 -16.17 15.12
C ASN B 146 6.54 -17.26 15.31
N ASP B 147 5.40 -16.91 15.89
CA ASP B 147 4.32 -17.86 16.12
C ASP B 147 3.13 -17.56 15.21
N ALA B 148 3.33 -16.63 14.27
CA ALA B 148 2.25 -16.20 13.37
C ALA B 148 1.97 -17.15 12.21
N PHE B 149 1.57 -18.37 12.51
CA PHE B 149 1.28 -19.31 11.44
C PHE B 149 0.18 -18.77 10.52
N ALA B 150 -0.86 -18.20 11.12
CA ALA B 150 -1.97 -17.66 10.36
C ALA B 150 -1.54 -16.62 9.31
N THR B 151 -0.35 -16.06 9.48
CA THR B 151 0.17 -15.08 8.53
C THR B 151 1.38 -15.61 7.79
N ALA B 152 1.65 -16.91 7.93
CA ALA B 152 2.81 -17.55 7.30
C ALA B 152 2.93 -17.40 5.79
N HIS B 153 1.82 -17.19 5.11
CA HIS B 153 1.86 -17.04 3.66
C HIS B 153 2.20 -15.63 3.19
N ARG B 154 2.47 -14.73 4.13
CA ARG B 154 2.81 -13.33 3.79
C ARG B 154 4.31 -13.07 3.91
N SER B 155 4.83 -12.17 3.09
CA SER B 155 6.25 -11.82 3.13
C SER B 155 6.43 -10.37 3.54
N GLN B 156 5.87 -10.02 4.69
CA GLN B 156 5.94 -8.65 5.20
C GLN B 156 7.10 -8.55 6.20
N PRO B 157 7.76 -7.37 6.26
CA PRO B 157 8.90 -7.09 7.13
C PRO B 157 8.96 -7.67 8.53
N SER B 158 7.89 -7.54 9.32
CA SER B 158 7.93 -8.07 10.67
C SER B 158 8.01 -9.61 10.70
N LEU B 159 7.49 -10.24 9.64
CA LEU B 159 7.43 -11.69 9.53
C LEU B 159 8.67 -12.40 8.97
N VAL B 160 9.31 -11.80 7.98
CA VAL B 160 10.51 -12.40 7.38
C VAL B 160 11.74 -11.50 7.40
N GLY B 161 11.54 -10.20 7.63
CA GLY B 161 12.64 -9.24 7.64
C GLY B 161 13.79 -9.38 8.63
N PHE B 162 13.53 -9.94 9.80
CA PHE B 162 14.58 -10.11 10.81
C PHE B 162 15.39 -11.39 10.59
N ALA B 163 14.91 -12.27 9.72
CA ALA B 163 15.55 -13.55 9.43
C ALA B 163 17.09 -13.59 9.50
N ARG B 164 17.74 -12.78 8.69
CA ARG B 164 19.19 -12.74 8.65
C ARG B 164 19.85 -11.84 9.70
N ILE B 165 19.05 -11.00 10.36
CA ILE B 165 19.57 -10.07 11.35
C ILE B 165 19.57 -10.60 12.78
N LYS B 166 18.61 -11.46 13.08
CA LYS B 166 18.50 -12.04 14.40
C LYS B 166 18.00 -13.46 14.22
N PRO B 167 18.32 -14.35 15.17
CA PRO B 167 17.84 -15.72 15.01
C PRO B 167 16.33 -15.76 15.16
N MET B 168 15.62 -16.13 14.08
CA MET B 168 14.17 -16.22 14.16
C MET B 168 13.84 -17.64 14.59
N ILE B 169 12.96 -17.76 15.59
CA ILE B 169 12.60 -19.06 16.16
C ILE B 169 11.10 -19.37 16.15
N MET B 170 10.76 -20.64 15.94
CA MET B 170 9.35 -21.06 15.93
C MET B 170 8.85 -21.12 17.36
N GLY B 171 7.69 -20.52 17.62
CA GLY B 171 7.14 -20.59 18.96
C GLY B 171 6.47 -21.95 19.07
N PHE B 172 5.68 -22.19 20.10
CA PHE B 172 5.04 -23.50 20.21
C PHE B 172 3.88 -23.69 19.22
N LEU B 173 3.25 -22.60 18.80
CA LEU B 173 2.13 -22.71 17.85
C LEU B 173 2.66 -22.97 16.46
N MET B 174 3.63 -22.17 16.02
CA MET B 174 4.23 -22.31 14.71
C MET B 174 4.76 -23.72 14.51
N GLU B 175 5.40 -24.26 15.53
CA GLU B 175 5.94 -25.61 15.45
C GLU B 175 4.79 -26.61 15.36
N LYS B 176 3.88 -26.54 16.32
CA LYS B 176 2.73 -27.44 16.34
C LYS B 176 1.95 -27.41 15.02
N GLU B 177 1.83 -26.23 14.42
CA GLU B 177 1.10 -26.08 13.15
C GLU B 177 1.83 -26.77 12.02
N ILE B 178 3.10 -26.43 11.84
CA ILE B 178 3.92 -26.99 10.77
C ILE B 178 3.94 -28.52 10.76
N GLU B 179 4.15 -29.12 11.91
CA GLU B 179 4.19 -30.58 12.00
C GLU B 179 2.85 -31.23 11.69
N ALA B 180 1.79 -30.77 12.37
CA ALA B 180 0.46 -31.31 12.16
C ALA B 180 0.05 -31.29 10.68
N LEU B 181 0.28 -30.17 10.02
CA LEU B 181 -0.06 -30.06 8.61
C LEU B 181 0.89 -30.86 7.72
N MET B 182 2.19 -30.82 8.03
CA MET B 182 3.18 -31.56 7.24
C MET B 182 2.90 -33.06 7.31
N ARG B 183 2.28 -33.48 8.41
CA ARG B 183 1.96 -34.88 8.58
C ARG B 183 0.89 -35.31 7.57
N ALA B 184 -0.26 -34.65 7.66
CA ALA B 184 -1.38 -34.96 6.76
C ALA B 184 -0.99 -34.84 5.29
N TYR B 185 -0.33 -33.74 4.92
CA TYR B 185 0.06 -33.53 3.54
C TYR B 185 0.91 -34.67 2.94
N TYR B 186 1.95 -35.09 3.65
CA TYR B 186 2.84 -36.14 3.14
C TYR B 186 2.47 -37.56 3.52
N SER B 187 1.43 -37.71 4.35
CA SER B 187 1.01 -39.04 4.77
C SER B 187 0.86 -39.98 3.57
N LYS B 188 1.40 -41.18 3.71
CA LYS B 188 1.35 -42.20 2.67
C LYS B 188 0.17 -43.14 2.95
N ASP B 189 -0.41 -42.98 4.13
CA ASP B 189 -1.54 -43.79 4.56
C ASP B 189 -2.81 -43.36 3.80
N SER B 190 -3.92 -44.08 4.00
CA SER B 190 -5.18 -43.77 3.32
C SER B 190 -6.34 -44.47 4.03
N PRO B 191 -7.59 -44.05 3.74
CA PRO B 191 -8.04 -42.98 2.84
C PRO B 191 -7.80 -41.57 3.37
N LYS B 192 -7.28 -40.70 2.50
CA LYS B 192 -7.01 -39.31 2.87
C LYS B 192 -8.19 -38.47 2.34
N ILE B 193 -9.03 -38.01 3.27
CA ILE B 193 -10.21 -37.23 2.91
C ILE B 193 -10.12 -35.72 3.19
N TYR B 194 -10.34 -34.92 2.15
CA TYR B 194 -10.32 -33.46 2.27
C TYR B 194 -11.75 -32.92 2.26
N VAL B 195 -12.00 -31.90 3.07
CA VAL B 195 -13.32 -31.28 3.16
C VAL B 195 -13.13 -29.78 2.98
N LEU B 196 -13.54 -29.26 1.82
CA LEU B 196 -13.37 -27.85 1.52
C LEU B 196 -14.66 -27.05 1.45
N GLY B 197 -14.78 -26.07 2.34
CA GLY B 197 -15.94 -25.20 2.37
C GLY B 197 -15.53 -23.74 2.34
N GLY B 198 -16.42 -22.85 2.79
CA GLY B 198 -16.08 -21.44 2.78
C GLY B 198 -16.33 -20.71 1.48
N ALA B 199 -15.83 -19.48 1.39
CA ALA B 199 -16.03 -18.66 0.20
C ALA B 199 -14.77 -18.40 -0.61
N LYS B 200 -13.64 -18.97 -0.20
CA LYS B 200 -12.39 -18.77 -0.92
C LYS B 200 -12.27 -19.79 -2.05
N VAL B 201 -13.12 -19.64 -3.05
CA VAL B 201 -13.16 -20.55 -4.19
C VAL B 201 -11.86 -20.70 -4.96
N GLU B 202 -11.30 -19.60 -5.43
CA GLU B 202 -10.05 -19.65 -6.19
C GLU B 202 -8.98 -20.42 -5.42
N ASP B 203 -8.75 -20.02 -4.18
CA ASP B 203 -7.73 -20.66 -3.35
C ASP B 203 -8.07 -22.11 -3.04
N SER B 204 -9.36 -22.40 -2.91
CA SER B 204 -9.78 -23.77 -2.64
C SER B 204 -9.60 -24.64 -3.87
N LEU B 205 -9.86 -24.10 -5.06
CA LEU B 205 -9.69 -24.88 -6.27
C LEU B 205 -8.22 -25.23 -6.47
N LYS B 206 -7.34 -24.31 -6.11
CA LYS B 206 -5.91 -24.58 -6.24
C LYS B 206 -5.54 -25.75 -5.33
N VAL B 207 -6.20 -25.87 -4.20
CA VAL B 207 -5.92 -26.96 -3.28
C VAL B 207 -6.42 -28.26 -3.89
N VAL B 208 -7.67 -28.26 -4.36
CA VAL B 208 -8.26 -29.45 -4.98
C VAL B 208 -7.36 -29.96 -6.09
N GLU B 209 -7.03 -29.10 -7.04
CA GLU B 209 -6.18 -29.49 -8.16
C GLU B 209 -4.85 -30.07 -7.71
N ASN B 210 -4.21 -29.41 -6.75
CA ASN B 210 -2.92 -29.88 -6.24
C ASN B 210 -2.97 -31.24 -5.56
N VAL B 211 -3.86 -31.40 -4.58
CA VAL B 211 -3.94 -32.67 -3.85
C VAL B 211 -4.43 -33.87 -4.66
N LEU B 212 -5.18 -33.62 -5.72
CA LEU B 212 -5.68 -34.72 -6.54
C LEU B 212 -4.62 -35.09 -7.57
N ARG B 213 -4.01 -34.07 -8.17
CA ARG B 213 -2.98 -34.27 -9.18
C ARG B 213 -1.74 -34.88 -8.53
N ARG B 214 -1.46 -34.49 -7.29
CA ARG B 214 -0.31 -34.99 -6.55
C ARG B 214 -0.72 -36.18 -5.67
N GLU B 215 -1.96 -36.64 -5.85
CA GLU B 215 -2.49 -37.77 -5.10
C GLU B 215 -2.29 -37.72 -3.58
N ARG B 216 -2.46 -36.54 -3.00
CA ARG B 216 -2.33 -36.37 -1.56
C ARG B 216 -3.69 -36.58 -0.93
N ALA B 217 -4.72 -36.61 -1.78
CA ALA B 217 -6.09 -36.81 -1.31
C ALA B 217 -6.73 -37.93 -2.11
N ASP B 218 -7.51 -38.77 -1.43
CA ASP B 218 -8.18 -39.86 -2.10
C ASP B 218 -9.60 -39.47 -2.49
N LEU B 219 -10.13 -38.47 -1.79
CA LEU B 219 -11.48 -37.98 -2.06
C LEU B 219 -11.65 -36.57 -1.51
N VAL B 220 -12.53 -35.79 -2.14
CA VAL B 220 -12.80 -34.43 -1.73
C VAL B 220 -14.28 -34.17 -1.51
N LEU B 221 -14.62 -33.68 -0.31
CA LEU B 221 -16.00 -33.34 0.01
C LEU B 221 -16.09 -31.82 -0.03
N THR B 222 -17.21 -31.29 -0.52
CA THR B 222 -17.36 -29.84 -0.62
C THR B 222 -18.55 -29.27 0.13
N GLY B 223 -18.43 -28.00 0.51
CA GLY B 223 -19.49 -27.32 1.22
C GLY B 223 -19.39 -25.84 0.93
N GLY B 224 -20.32 -25.06 1.45
CA GLY B 224 -20.29 -23.62 1.22
C GLY B 224 -20.34 -23.24 -0.24
N LEU B 225 -19.76 -22.08 -0.58
CA LEU B 225 -19.73 -21.63 -1.97
C LEU B 225 -18.87 -22.54 -2.83
N VAL B 226 -17.90 -23.21 -2.21
CA VAL B 226 -17.04 -24.12 -2.96
C VAL B 226 -17.91 -25.22 -3.55
N ALA B 227 -18.88 -25.69 -2.77
CA ALA B 227 -19.79 -26.74 -3.23
C ALA B 227 -20.69 -26.26 -4.34
N ASN B 228 -21.20 -25.04 -4.21
CA ASN B 228 -22.07 -24.48 -5.23
C ASN B 228 -21.32 -24.50 -6.55
N VAL B 229 -20.16 -23.84 -6.58
CA VAL B 229 -19.34 -23.78 -7.78
C VAL B 229 -19.15 -25.14 -8.43
N PHE B 230 -18.79 -26.15 -7.64
CA PHE B 230 -18.59 -27.49 -8.18
C PHE B 230 -19.88 -28.13 -8.65
N THR B 231 -20.90 -28.06 -7.79
CA THR B 231 -22.21 -28.64 -8.12
C THR B 231 -22.71 -28.05 -9.43
N LEU B 232 -22.65 -26.72 -9.51
CA LEU B 232 -23.07 -25.99 -10.68
C LEU B 232 -22.25 -26.43 -11.89
N ALA B 233 -20.96 -26.66 -11.67
CA ALA B 233 -20.07 -27.09 -12.73
C ALA B 233 -20.42 -28.49 -13.20
N LYS B 234 -21.07 -29.27 -12.33
CA LYS B 234 -21.47 -30.62 -12.69
C LYS B 234 -22.69 -30.59 -13.59
N GLY B 235 -23.26 -29.40 -13.78
CA GLY B 235 -24.41 -29.25 -14.64
C GLY B 235 -25.71 -29.10 -13.87
N PHE B 236 -25.64 -29.20 -12.55
CA PHE B 236 -26.83 -29.07 -11.71
C PHE B 236 -27.06 -27.60 -11.35
N ASP B 237 -28.10 -27.00 -11.92
CA ASP B 237 -28.39 -25.59 -11.67
C ASP B 237 -28.80 -25.31 -10.23
N LEU B 238 -28.72 -24.03 -9.83
CA LEU B 238 -29.06 -23.62 -8.48
C LEU B 238 -29.90 -22.34 -8.39
N GLY B 239 -30.81 -22.14 -9.32
CA GLY B 239 -31.66 -20.96 -9.28
C GLY B 239 -30.99 -19.66 -9.72
N ARG B 240 -31.78 -18.60 -9.84
CA ARG B 240 -31.30 -17.29 -10.26
C ARG B 240 -30.69 -16.43 -9.16
N LYS B 241 -31.33 -16.37 -8.01
CA LYS B 241 -30.81 -15.56 -6.91
C LYS B 241 -29.41 -16.06 -6.58
N ASN B 242 -29.26 -17.39 -6.55
CA ASN B 242 -27.97 -18.00 -6.27
C ASN B 242 -26.97 -17.67 -7.37
N VAL B 243 -27.32 -18.02 -8.61
CA VAL B 243 -26.44 -17.75 -9.74
C VAL B 243 -26.01 -16.29 -9.78
N GLU B 244 -26.95 -15.38 -9.51
CA GLU B 244 -26.62 -13.96 -9.50
C GLU B 244 -25.70 -13.68 -8.33
N PHE B 245 -25.94 -14.39 -7.23
CA PHE B 245 -25.11 -14.23 -6.04
C PHE B 245 -23.70 -14.66 -6.40
N MET B 246 -23.61 -15.67 -7.25
CA MET B 246 -22.31 -16.18 -7.70
C MET B 246 -21.62 -15.05 -8.45
N LYS B 247 -22.33 -14.48 -9.42
CA LYS B 247 -21.78 -13.38 -10.21
C LYS B 247 -21.42 -12.22 -9.28
N LYS B 248 -22.25 -12.03 -8.25
CA LYS B 248 -22.03 -10.97 -7.27
C LYS B 248 -20.55 -10.86 -6.93
N LYS B 249 -20.00 -11.93 -6.36
CA LYS B 249 -18.59 -11.95 -5.98
C LYS B 249 -17.73 -12.58 -7.07
N GLY B 250 -18.27 -12.65 -8.28
CA GLY B 250 -17.54 -13.21 -9.41
C GLY B 250 -17.10 -14.64 -9.26
N LEU B 251 -17.91 -15.46 -8.59
CA LEU B 251 -17.57 -16.86 -8.39
C LEU B 251 -17.81 -17.68 -9.66
N LEU B 252 -18.56 -17.13 -10.60
CA LEU B 252 -18.83 -17.83 -11.84
C LEU B 252 -17.62 -17.82 -12.75
N ASP B 253 -16.59 -17.08 -12.35
CA ASP B 253 -15.36 -16.98 -13.12
C ASP B 253 -14.47 -18.19 -12.84
N TYR B 254 -14.86 -18.98 -11.83
CA TYR B 254 -14.10 -20.16 -11.47
C TYR B 254 -14.79 -21.44 -11.87
N VAL B 255 -16.03 -21.31 -12.34
CA VAL B 255 -16.79 -22.48 -12.76
C VAL B 255 -16.03 -23.22 -13.86
N LYS B 256 -15.41 -22.47 -14.77
CA LYS B 256 -14.63 -23.06 -15.85
C LYS B 256 -13.50 -23.90 -15.28
N HIS B 257 -12.79 -23.36 -14.29
CA HIS B 257 -11.68 -24.06 -13.66
C HIS B 257 -12.23 -25.29 -12.96
N ALA B 258 -13.41 -25.16 -12.37
CA ALA B 258 -14.05 -26.26 -11.66
C ALA B 258 -14.39 -27.37 -12.65
N GLU B 259 -14.81 -26.99 -13.85
CA GLU B 259 -15.15 -27.95 -14.89
C GLU B 259 -13.91 -28.73 -15.31
N GLU B 260 -12.82 -28.01 -15.55
CA GLU B 260 -11.58 -28.66 -15.97
C GLU B 260 -11.18 -29.71 -14.93
N ILE B 261 -11.31 -29.37 -13.66
CA ILE B 261 -10.96 -30.28 -12.58
C ILE B 261 -11.90 -31.49 -12.61
N LEU B 262 -13.18 -31.23 -12.82
CA LEU B 262 -14.16 -32.32 -12.87
C LEU B 262 -13.84 -33.25 -14.03
N ASP B 263 -13.56 -32.67 -15.21
CA ASP B 263 -13.24 -33.45 -16.40
C ASP B 263 -12.00 -34.32 -16.20
N GLU B 264 -11.30 -34.11 -15.09
CA GLU B 264 -10.09 -34.87 -14.83
C GLU B 264 -10.13 -35.73 -13.57
N PHE B 265 -10.92 -35.31 -12.58
CA PHE B 265 -11.02 -36.07 -11.33
C PHE B 265 -12.46 -36.23 -10.83
N TYR B 266 -13.41 -36.19 -11.76
CA TYR B 266 -14.83 -36.30 -11.42
C TYR B 266 -15.16 -37.28 -10.30
N PRO B 267 -14.69 -38.53 -10.40
CA PRO B 267 -14.96 -39.53 -9.38
C PRO B 267 -14.40 -39.24 -7.97
N TYR B 268 -13.48 -38.29 -7.87
CA TYR B 268 -12.90 -37.96 -6.58
C TYR B 268 -13.51 -36.71 -5.93
N ILE B 269 -14.48 -36.08 -6.60
CA ILE B 269 -15.10 -34.86 -6.06
C ILE B 269 -16.58 -35.03 -5.67
N ARG B 270 -16.86 -34.92 -4.38
CA ARG B 270 -18.22 -35.06 -3.87
C ARG B 270 -18.88 -33.71 -3.59
N THR B 271 -20.07 -33.54 -4.14
CA THR B 271 -20.85 -32.33 -3.95
C THR B 271 -22.09 -32.69 -3.14
N PRO B 272 -22.79 -31.69 -2.59
CA PRO B 272 -23.99 -31.95 -1.79
C PRO B 272 -25.12 -32.55 -2.61
N VAL B 273 -25.96 -33.36 -1.97
CA VAL B 273 -27.11 -33.97 -2.63
C VAL B 273 -28.38 -33.26 -2.17
N ASP B 274 -28.24 -32.39 -1.18
CA ASP B 274 -29.37 -31.63 -0.64
C ASP B 274 -28.86 -30.39 0.11
N PHE B 275 -29.55 -29.27 -0.08
CA PHE B 275 -29.17 -28.03 0.57
C PHE B 275 -30.23 -27.53 1.55
N ALA B 276 -30.07 -26.28 1.97
CA ALA B 276 -30.99 -25.61 2.89
C ALA B 276 -31.01 -24.14 2.45
N VAL B 277 -32.18 -23.51 2.47
CA VAL B 277 -32.29 -22.13 2.02
C VAL B 277 -32.95 -21.18 3.04
N ASP B 278 -32.69 -19.89 2.87
CA ASP B 278 -33.24 -18.85 3.75
C ASP B 278 -34.49 -18.23 3.13
N TYR B 279 -35.49 -17.99 3.96
CA TYR B 279 -36.76 -17.40 3.52
C TYR B 279 -37.23 -16.38 4.55
N LYS B 280 -36.77 -15.14 4.42
CA LYS B 280 -37.12 -14.07 5.35
C LYS B 280 -36.51 -14.36 6.72
N GLY B 281 -35.79 -15.49 6.80
CA GLY B 281 -35.16 -15.88 8.05
C GLY B 281 -35.63 -17.26 8.49
N GLU B 282 -35.95 -18.10 7.51
CA GLU B 282 -36.43 -19.45 7.81
C GLU B 282 -35.65 -20.53 7.06
N ARG B 283 -35.02 -21.43 7.81
CA ARG B 283 -34.26 -22.52 7.24
C ARG B 283 -35.17 -23.51 6.53
N VAL B 284 -34.93 -23.74 5.25
CA VAL B 284 -35.74 -24.67 4.46
C VAL B 284 -34.81 -25.62 3.70
N GLU B 285 -34.78 -26.88 4.13
CA GLU B 285 -33.93 -27.88 3.49
C GLU B 285 -34.57 -28.52 2.26
N ILE B 286 -33.80 -28.57 1.18
CA ILE B 286 -34.23 -29.13 -0.10
C ILE B 286 -33.31 -30.27 -0.53
N ASP B 287 -33.88 -31.25 -1.23
CA ASP B 287 -33.11 -32.39 -1.72
C ASP B 287 -33.08 -32.35 -3.24
N LEU B 288 -31.93 -32.73 -3.83
CA LEU B 288 -31.82 -32.72 -5.29
C LEU B 288 -32.68 -33.81 -5.90
N LEU B 289 -32.98 -34.83 -5.11
CA LEU B 289 -33.80 -35.94 -5.57
C LEU B 289 -35.27 -35.68 -5.21
N SER B 290 -35.50 -34.63 -4.43
CA SER B 290 -36.85 -34.26 -4.00
C SER B 290 -37.54 -33.41 -5.06
N GLU B 291 -38.81 -33.10 -4.81
CA GLU B 291 -39.58 -32.30 -5.75
C GLU B 291 -39.32 -30.80 -5.63
N ASN B 292 -40.12 -30.12 -4.83
CA ASN B 292 -40.00 -28.68 -4.66
C ASN B 292 -38.58 -28.12 -4.55
N ARG B 293 -38.25 -27.28 -5.52
CA ARG B 293 -36.95 -26.63 -5.63
C ARG B 293 -37.20 -25.37 -6.49
N GLY B 294 -37.79 -24.34 -5.89
CA GLY B 294 -38.09 -23.14 -6.65
C GLY B 294 -37.60 -21.80 -6.13
N LEU B 295 -37.85 -21.49 -4.86
CA LEU B 295 -37.43 -20.21 -4.26
C LEU B 295 -36.07 -19.75 -4.76
N LEU B 296 -35.25 -20.69 -5.20
CA LEU B 296 -33.90 -20.41 -5.69
C LEU B 296 -33.80 -19.26 -6.69
N HIS B 297 -34.90 -18.97 -7.39
CA HIS B 297 -34.91 -17.89 -8.38
C HIS B 297 -35.31 -16.54 -7.75
N GLN B 298 -35.11 -16.41 -6.45
CA GLN B 298 -35.44 -15.20 -5.72
C GLN B 298 -34.86 -15.22 -4.31
N TYR B 299 -34.34 -16.39 -3.91
CA TYR B 299 -33.75 -16.56 -2.59
C TYR B 299 -32.35 -17.20 -2.66
N GLN B 300 -31.62 -17.18 -1.55
CA GLN B 300 -30.26 -17.70 -1.52
C GLN B 300 -29.99 -18.91 -0.62
N ILE B 301 -29.10 -19.79 -1.07
CA ILE B 301 -28.71 -20.98 -0.32
C ILE B 301 -27.82 -20.53 0.83
N MET B 302 -27.84 -21.24 1.96
CA MET B 302 -27.00 -20.85 3.08
C MET B 302 -26.41 -22.00 3.89
N ASP B 303 -26.57 -23.22 3.41
CA ASP B 303 -26.03 -24.38 4.11
C ASP B 303 -26.33 -25.68 3.37
N ILE B 304 -25.60 -26.74 3.70
CA ILE B 304 -25.84 -28.03 3.07
C ILE B 304 -27.03 -28.64 3.79
N GLY B 305 -27.41 -29.85 3.39
CA GLY B 305 -28.55 -30.53 4.01
C GLY B 305 -28.18 -31.69 4.89
N LYS B 306 -29.19 -32.26 5.55
CA LYS B 306 -28.99 -33.38 6.46
C LYS B 306 -28.43 -34.61 5.76
N ARG B 307 -28.96 -34.92 4.58
CA ARG B 307 -28.50 -36.09 3.84
C ARG B 307 -27.01 -36.03 3.50
N THR B 308 -26.56 -34.86 3.06
CA THR B 308 -25.16 -34.68 2.71
C THR B 308 -24.28 -34.92 3.93
N ALA B 309 -24.70 -34.37 5.07
CA ALA B 309 -23.97 -34.54 6.32
C ALA B 309 -23.78 -36.01 6.68
N GLU B 310 -24.85 -36.79 6.57
CA GLU B 310 -24.79 -38.22 6.88
C GLU B 310 -23.77 -38.90 5.97
N LYS B 311 -23.87 -38.65 4.67
CA LYS B 311 -22.97 -39.24 3.69
C LYS B 311 -21.54 -38.83 3.99
N TYR B 312 -21.34 -37.54 4.20
CA TYR B 312 -20.02 -36.99 4.49
C TYR B 312 -19.41 -37.64 5.72
N ARG B 313 -20.18 -37.76 6.79
CA ARG B 313 -19.64 -38.38 7.99
C ARG B 313 -19.41 -39.86 7.77
N GLU B 314 -20.23 -40.48 6.92
CA GLU B 314 -20.07 -41.90 6.61
C GLU B 314 -18.66 -42.09 6.08
N ILE B 315 -18.27 -41.23 5.15
CA ILE B 315 -16.95 -41.29 4.52
C ILE B 315 -15.84 -40.90 5.50
N LEU B 316 -16.06 -39.82 6.23
CA LEU B 316 -15.08 -39.33 7.19
C LEU B 316 -14.68 -40.38 8.22
N MET B 317 -15.61 -41.26 8.57
CA MET B 317 -15.32 -42.31 9.54
C MET B 317 -14.38 -43.38 9.01
N LYS B 318 -14.24 -43.45 7.69
CA LYS B 318 -13.36 -44.43 7.06
C LYS B 318 -12.00 -43.85 6.67
N ALA B 319 -11.76 -42.59 7.02
CA ALA B 319 -10.51 -41.94 6.67
C ALA B 319 -9.42 -42.18 7.70
N ARG B 320 -8.17 -42.12 7.26
CA ARG B 320 -7.02 -42.28 8.14
C ARG B 320 -6.38 -40.90 8.27
N ILE B 321 -6.69 -40.04 7.31
CA ILE B 321 -6.20 -38.66 7.28
C ILE B 321 -7.35 -37.75 6.84
N ILE B 322 -7.57 -36.68 7.58
CA ILE B 322 -8.64 -35.72 7.24
C ILE B 322 -8.10 -34.28 7.27
N VAL B 323 -8.33 -33.56 6.17
CA VAL B 323 -7.92 -32.16 6.07
C VAL B 323 -9.16 -31.36 5.69
N ALA B 324 -9.65 -30.54 6.62
CA ALA B 324 -10.84 -29.72 6.38
C ALA B 324 -10.56 -28.24 6.54
N ASN B 325 -11.27 -27.43 5.76
CA ASN B 325 -11.11 -25.98 5.81
C ASN B 325 -12.40 -25.25 5.49
N GLY B 326 -12.75 -24.30 6.35
CA GLY B 326 -13.94 -23.50 6.13
C GLY B 326 -15.25 -24.15 6.54
N PRO B 327 -16.32 -23.36 6.58
CA PRO B 327 -17.66 -23.83 6.96
C PRO B 327 -18.43 -24.43 5.78
N MET B 328 -19.50 -25.14 6.11
CA MET B 328 -20.37 -25.78 5.10
C MET B 328 -21.42 -24.78 4.64
N GLY B 329 -21.70 -23.79 5.47
CA GLY B 329 -22.69 -22.79 5.15
C GLY B 329 -22.47 -21.50 5.93
N VAL B 330 -23.50 -20.68 6.03
CA VAL B 330 -23.42 -19.40 6.76
C VAL B 330 -23.37 -19.68 8.26
N PHE B 331 -22.18 -20.09 8.70
CA PHE B 331 -21.86 -20.45 10.07
C PHE B 331 -22.22 -19.42 11.15
N GLU B 332 -22.18 -18.14 10.82
CA GLU B 332 -22.49 -17.09 11.78
C GLU B 332 -23.98 -17.01 12.12
N ARG B 333 -24.81 -17.63 11.30
CA ARG B 333 -26.26 -17.64 11.51
C ARG B 333 -26.62 -18.96 12.19
N GLU B 334 -27.20 -18.86 13.38
CA GLU B 334 -27.58 -20.02 14.18
C GLU B 334 -28.30 -21.12 13.39
N GLU B 335 -29.31 -20.72 12.63
CA GLU B 335 -30.10 -21.65 11.83
C GLU B 335 -29.30 -22.35 10.76
N PHE B 336 -28.44 -21.61 10.08
CA PHE B 336 -27.63 -22.14 8.99
C PHE B 336 -26.24 -22.63 9.39
N ALA B 337 -26.11 -23.15 10.60
CA ALA B 337 -24.84 -23.66 11.09
C ALA B 337 -24.87 -25.17 11.25
N ILE B 338 -26.07 -25.74 11.12
CA ILE B 338 -26.27 -27.17 11.27
C ILE B 338 -25.31 -28.00 10.42
N GLY B 339 -25.27 -27.70 9.12
CA GLY B 339 -24.38 -28.43 8.23
C GLY B 339 -22.93 -28.42 8.71
N THR B 340 -22.45 -27.25 9.08
CA THR B 340 -21.08 -27.10 9.56
C THR B 340 -20.86 -27.86 10.86
N VAL B 341 -21.75 -27.64 11.82
CA VAL B 341 -21.65 -28.33 13.11
C VAL B 341 -21.64 -29.84 12.91
N GLU B 342 -22.51 -30.34 12.04
CA GLU B 342 -22.57 -31.76 11.77
C GLU B 342 -21.28 -32.32 11.19
N VAL B 343 -20.76 -31.69 10.14
CA VAL B 343 -19.54 -32.16 9.52
C VAL B 343 -18.33 -32.13 10.45
N PHE B 344 -18.17 -31.05 11.21
CA PHE B 344 -17.04 -30.92 12.12
C PHE B 344 -17.04 -32.05 13.17
N LYS B 345 -18.23 -32.45 13.60
CA LYS B 345 -18.34 -33.52 14.58
C LYS B 345 -17.91 -34.86 13.96
N ALA B 346 -18.25 -35.03 12.69
CA ALA B 346 -17.88 -36.25 11.98
C ALA B 346 -16.36 -36.37 11.97
N ILE B 347 -15.70 -35.25 11.68
CA ILE B 347 -14.24 -35.20 11.63
C ILE B 347 -13.66 -35.55 13.00
N ALA B 348 -14.28 -35.03 14.05
CA ALA B 348 -13.83 -35.28 15.40
C ALA B 348 -13.92 -36.75 15.79
N ASP B 349 -15.05 -37.38 15.48
CA ASP B 349 -15.26 -38.79 15.82
C ASP B 349 -14.33 -39.73 15.07
N SER B 350 -14.12 -39.48 13.78
CA SER B 350 -13.24 -40.32 13.00
C SER B 350 -11.92 -40.55 13.72
N PRO B 351 -11.41 -41.79 13.70
CA PRO B 351 -10.15 -42.12 14.36
C PRO B 351 -8.95 -41.65 13.54
N ALA B 352 -9.25 -41.01 12.41
CA ALA B 352 -8.20 -40.50 11.53
C ALA B 352 -7.48 -39.33 12.16
N PHE B 353 -6.33 -39.01 11.58
CA PHE B 353 -5.53 -37.86 12.03
C PHE B 353 -6.20 -36.70 11.31
N SER B 354 -6.94 -35.88 12.04
CA SER B 354 -7.66 -34.77 11.45
C SER B 354 -7.06 -33.39 11.66
N VAL B 355 -7.29 -32.51 10.68
CA VAL B 355 -6.83 -31.14 10.71
C VAL B 355 -7.94 -30.24 10.18
N LEU B 356 -8.38 -29.29 10.99
CA LEU B 356 -9.43 -28.36 10.61
C LEU B 356 -8.90 -26.92 10.64
N GLY B 357 -9.12 -26.20 9.55
CA GLY B 357 -8.68 -24.81 9.48
C GLY B 357 -9.79 -23.92 8.96
N GLY B 358 -9.50 -22.62 8.81
CA GLY B 358 -10.49 -21.70 8.32
C GLY B 358 -10.30 -20.30 8.83
N GLY B 359 -9.56 -20.17 9.93
CA GLY B 359 -9.32 -18.85 10.49
C GLY B 359 -10.64 -18.21 10.89
N HIS B 360 -10.81 -16.93 10.53
CA HIS B 360 -12.03 -16.21 10.87
C HIS B 360 -13.32 -16.86 10.38
N SER B 361 -13.27 -17.55 9.25
CA SER B 361 -14.46 -18.19 8.69
C SER B 361 -15.10 -19.26 9.58
N ILE B 362 -14.33 -19.82 10.51
CA ILE B 362 -14.88 -20.84 11.39
C ILE B 362 -14.86 -20.41 12.86
N ALA B 363 -14.82 -19.11 13.09
CA ALA B 363 -14.77 -18.56 14.44
C ALA B 363 -15.99 -18.97 15.27
N SER B 364 -17.12 -19.15 14.61
CA SER B 364 -18.36 -19.55 15.29
C SER B 364 -18.26 -20.89 16.01
N ILE B 365 -17.23 -21.66 15.71
CA ILE B 365 -17.07 -22.98 16.33
C ILE B 365 -16.83 -22.88 17.84
N GLN B 366 -16.60 -21.65 18.30
CA GLN B 366 -16.34 -21.40 19.72
C GLN B 366 -17.63 -21.52 20.52
N LYS B 367 -18.75 -21.72 19.85
CA LYS B 367 -20.04 -21.82 20.52
C LYS B 367 -20.59 -23.24 20.57
N TYR B 368 -19.84 -24.22 20.08
CA TYR B 368 -20.34 -25.59 20.06
C TYR B 368 -19.47 -26.63 20.76
N GLY B 369 -18.29 -26.23 21.22
CA GLY B 369 -17.41 -27.16 21.91
C GLY B 369 -17.29 -28.54 21.28
N ILE B 370 -16.43 -28.65 20.28
CA ILE B 370 -16.22 -29.92 19.58
C ILE B 370 -14.81 -30.46 19.79
N THR B 371 -14.72 -31.58 20.49
CA THR B 371 -13.42 -32.20 20.75
C THR B 371 -13.28 -33.50 19.96
N GLY B 372 -12.05 -33.87 19.65
CA GLY B 372 -11.80 -35.09 18.91
C GLY B 372 -10.91 -34.78 17.71
N ILE B 373 -11.03 -33.55 17.21
CA ILE B 373 -10.22 -33.13 16.08
C ILE B 373 -8.77 -33.09 16.56
N THR B 374 -7.88 -33.73 15.83
CA THR B 374 -6.47 -33.79 16.20
C THR B 374 -5.79 -32.43 16.28
N HIS B 375 -6.00 -31.60 15.26
CA HIS B 375 -5.37 -30.28 15.22
C HIS B 375 -6.25 -29.21 14.57
N ILE B 376 -6.67 -28.24 15.38
CA ILE B 376 -7.48 -27.13 14.86
C ILE B 376 -6.56 -25.94 14.61
N SER B 377 -6.19 -25.76 13.35
CA SER B 377 -5.30 -24.68 12.93
C SER B 377 -5.87 -23.28 13.12
N THR B 378 -4.99 -22.31 13.32
CA THR B 378 -5.40 -20.91 13.46
C THR B 378 -5.42 -20.34 12.06
N GLY B 379 -4.80 -21.06 11.14
CA GLY B 379 -4.70 -20.63 9.75
C GLY B 379 -5.93 -20.82 8.87
N GLY B 380 -6.07 -19.90 7.93
CA GLY B 380 -7.15 -19.93 6.97
C GLY B 380 -6.49 -19.89 5.60
N GLY B 381 -6.18 -18.68 5.14
CA GLY B 381 -5.50 -18.53 3.86
C GLY B 381 -4.14 -19.20 3.91
N ALA B 382 -3.50 -19.17 5.06
CA ALA B 382 -2.19 -19.78 5.23
C ALA B 382 -2.34 -21.29 5.04
N MET B 383 -3.41 -21.85 5.62
CA MET B 383 -3.63 -23.28 5.48
C MET B 383 -3.91 -23.65 4.03
N LEU B 384 -4.77 -22.87 3.36
CA LEU B 384 -5.09 -23.16 1.97
C LEU B 384 -3.84 -23.04 1.09
N SER B 385 -2.99 -22.06 1.39
CA SER B 385 -1.78 -21.90 0.62
C SER B 385 -0.92 -23.15 0.75
N PHE B 386 -0.75 -23.60 1.98
CA PHE B 386 0.06 -24.78 2.27
C PHE B 386 -0.41 -25.99 1.47
N PHE B 387 -1.69 -26.34 1.60
CA PHE B 387 -2.20 -27.50 0.89
C PHE B 387 -2.29 -27.34 -0.61
N ALA B 388 -2.01 -26.14 -1.10
CA ALA B 388 -2.03 -25.90 -2.54
C ALA B 388 -0.61 -26.19 -3.03
N GLY B 389 0.26 -26.56 -2.09
CA GLY B 389 1.64 -26.88 -2.44
C GLY B 389 2.51 -25.66 -2.64
N GLU B 390 2.06 -24.50 -2.15
CA GLU B 390 2.83 -23.27 -2.28
C GLU B 390 3.80 -23.15 -1.12
N GLU B 391 4.92 -22.48 -1.35
CA GLU B 391 5.91 -22.28 -0.29
C GLU B 391 5.47 -21.12 0.59
N LEU B 392 5.52 -21.32 1.91
CA LEU B 392 5.14 -20.29 2.86
C LEU B 392 6.37 -19.42 3.19
N PRO B 393 6.36 -18.14 2.78
CA PRO B 393 7.47 -17.23 3.04
C PRO B 393 8.03 -17.27 4.46
N VAL B 394 7.16 -17.43 5.45
CA VAL B 394 7.62 -17.47 6.84
C VAL B 394 8.40 -18.75 7.20
N LEU B 395 8.10 -19.85 6.52
CA LEU B 395 8.82 -21.10 6.77
C LEU B 395 10.19 -21.00 6.10
N ARG B 396 10.20 -20.44 4.90
CA ARG B 396 11.43 -20.26 4.15
C ARG B 396 12.36 -19.29 4.87
N ALA B 397 11.78 -18.32 5.56
CA ALA B 397 12.57 -17.34 6.32
C ALA B 397 13.11 -18.00 7.58
N LEU B 398 12.30 -18.87 8.17
CA LEU B 398 12.70 -19.58 9.38
C LEU B 398 13.89 -20.48 9.07
N GLN B 399 13.92 -21.04 7.87
CA GLN B 399 15.01 -21.92 7.47
C GLN B 399 16.24 -21.06 7.16
N ILE B 400 16.06 -20.04 6.34
CA ILE B 400 17.17 -19.17 5.99
C ILE B 400 17.84 -18.67 7.27
N SER B 401 17.03 -18.34 8.27
CA SER B 401 17.55 -17.85 9.54
C SER B 401 18.32 -18.94 10.26
N TYR B 402 17.85 -20.18 10.15
CA TYR B 402 18.49 -21.31 10.80
C TYR B 402 19.89 -21.56 10.21
N GLU B 403 19.95 -21.75 8.91
CA GLU B 403 21.21 -22.00 8.21
C GLU B 403 22.08 -20.75 8.14
N LYS B 404 21.93 -19.88 9.14
CA LYS B 404 22.69 -18.64 9.21
C LYS B 404 23.30 -18.54 10.60
N PHE B 405 22.46 -18.75 11.62
CA PHE B 405 22.88 -18.69 13.01
C PHE B 405 23.01 -20.10 13.59
CL CL C . 3.32 10.74 -5.07
C1 3PG D . 8.15 11.03 -7.87
O1 3PG D . 7.30 11.23 -6.82
O2 3PG D . 7.93 9.90 -8.56
C2 3PG D . 9.20 12.02 -8.15
O3 3PG D . 9.89 12.29 -6.90
C3 3PG D . 8.61 13.30 -8.74
O1P 3PG D . 8.11 14.19 -7.79
P 3PG D . 7.55 15.69 -8.27
O2P 3PG D . 8.81 16.55 -8.95
O3P 3PG D . 6.31 15.50 -9.39
O4P 3PG D . 7.00 16.58 -6.95
C1 GOL E . 5.58 12.88 -3.77
O1 GOL E . 5.71 11.54 -4.20
C2 GOL E . 5.59 13.87 -4.94
O2 GOL E . 4.52 13.58 -5.86
C3 GOL E . 5.44 15.30 -4.41
O3 GOL E . 6.51 15.64 -3.53
C1 MPD F . 11.40 24.83 -6.73
C2 MPD F . 11.71 23.77 -7.80
O2 MPD F . 10.48 23.28 -8.36
CM MPD F . 12.55 24.39 -8.92
C3 MPD F . 12.50 22.58 -7.20
C4 MPD F . 11.76 21.86 -6.04
O4 MPD F . 10.52 21.38 -6.45
C5 MPD F . 12.63 20.71 -5.52
C1 MPD G . 3.63 3.71 11.98
C2 MPD G . 3.69 4.87 12.97
O2 MPD G . 4.92 4.77 13.67
CM MPD G . 3.65 6.19 12.21
C3 MPD G . 2.51 4.74 14.00
C4 MPD G . 2.46 5.83 15.13
O4 MPD G . 2.38 7.15 14.62
C5 MPD G . 1.26 5.55 16.05
CL CL H . -3.30 -10.31 4.71
C1 3PG I . -9.09 -11.60 5.45
O1 3PG I . -7.76 -11.63 5.15
O2 3PG I . -9.83 -10.84 4.63
C2 3PG I . -9.59 -12.34 6.62
O3 3PG I . -9.08 -11.68 7.81
C3 3PG I . -9.12 -13.80 6.56
O1P 3PG I . -8.01 -14.09 7.36
P 3PG I . -7.68 -15.67 7.74
O2P 3PG I . -8.99 -16.24 8.62
O3P 3PG I . -7.46 -16.56 6.35
O4P 3PG I . -6.31 -15.78 8.70
C1 GOL J . -4.09 -13.45 8.82
O1 GOL J . -4.56 -12.98 10.07
C2 GOL J . -4.73 -12.67 7.67
O2 GOL J . -4.40 -11.28 7.78
C3 GOL J . -4.22 -13.22 6.34
O3 GOL J . -4.81 -12.54 5.24
C1 MPD K . -8.83 -20.95 16.03
C2 MPD K . -9.70 -20.76 14.78
O2 MPD K . -8.93 -21.02 13.60
CM MPD K . -10.88 -21.72 14.82
C3 MPD K . -10.26 -19.31 14.71
C4 MPD K . -9.14 -18.23 14.67
O4 MPD K . -8.27 -18.42 13.59
C5 MPD K . -9.78 -16.84 14.59
#